data_6JWF
#
_entry.id   6JWF
#
_cell.length_a   85.330
_cell.length_b   95.638
_cell.length_c   106.204
_cell.angle_alpha   90.00
_cell.angle_beta   90.00
_cell.angle_gamma   90.00
#
_symmetry.space_group_name_H-M   'P 21 21 21'
#
loop_
_entity.id
_entity.type
_entity.pdbx_description
1 polymer 'Extracellular PQQ-dependent sugar dehydrogenase'
2 non-polymer 'CALCIUM ION'
3 non-polymer 'PYRROLOQUINOLINE QUINONE'
4 non-polymer 1,2-ETHANEDIOL
5 non-polymer 'ACETATE ION'
6 non-polymer 2-acetamido-2-deoxy-beta-D-glucopyranose
7 water water
#
_entity_poly.entity_id   1
_entity_poly.type   'polypeptide(L)'
_entity_poly.pdbx_seq_one_letter_code
;TFVSCPGAPQPRYQMNVANGFRVAPVLGGLTMPRGITLDTRGNLLVVERGRGLTGHTLDANGCVTSSKVVIQDTQINHGI
DVHPSGRRIIASSGDIAWSWDYDPATMTATNRRTLVTGMNNFYHFTRTVHISRKYPNLFALNVGSDGNIDVPTRQQNSGR
AQIRVFDYDQLPQNGVPFVSQYGRVLGYGLRNDVGITEDRAGNIHSIENSLDNAYRMVNGQRRDIHTNNPAEKVYNLGDP
SNPRAIFGGYPDCYTVWEPSDFTDSPKQPGDWFTQDNSGQYTDAWCNANAVKPTLLLPPHTAPLDMKFGLGNDTNLYVAL
HGSWNRQPPQGYKVVVVPGQYSASGEWSPTAPLAQSRTAWSDLLTNRNENQCSGFGNANCFRPVGLVWSADGQNLYVSSD
TSGEVFIIKR
;
_entity_poly.pdbx_strand_id   A,B
#
loop_
_chem_comp.id
_chem_comp.type
_chem_comp.name
_chem_comp.formula
ACT non-polymer 'ACETATE ION' 'C2 H3 O2 -1'
CA non-polymer 'CALCIUM ION' 'Ca 2'
EDO non-polymer 1,2-ETHANEDIOL 'C2 H6 O2'
NAG D-saccharide, beta linking 2-acetamido-2-deoxy-beta-D-glucopyranose 'C8 H15 N O6'
PQQ non-polymer 'PYRROLOQUINOLINE QUINONE' 'C14 H6 N2 O8'
#
# COMPACT_ATOMS: atom_id res chain seq x y z
N PHE A 2 -5.49 23.98 10.42
CA PHE A 2 -5.13 24.23 8.99
C PHE A 2 -5.92 23.30 8.08
N VAL A 3 -6.47 23.89 7.01
CA VAL A 3 -7.17 23.11 5.99
C VAL A 3 -6.55 23.34 4.62
N SER A 4 -6.32 24.60 4.25
CA SER A 4 -5.86 24.92 2.92
C SER A 4 -5.17 26.25 2.88
N CYS A 5 -4.54 26.54 1.74
CA CYS A 5 -3.82 27.80 1.55
C CYS A 5 -4.69 28.79 0.79
N PRO A 6 -4.74 30.06 1.26
CA PRO A 6 -5.60 31.06 0.61
C PRO A 6 -5.30 31.23 -0.87
N GLY A 7 -6.32 31.08 -1.70
CA GLY A 7 -6.21 31.29 -3.13
C GLY A 7 -5.59 30.15 -3.91
N ALA A 8 -5.11 29.11 -3.23
CA ALA A 8 -4.44 28.01 -3.90
C ALA A 8 -5.44 27.11 -4.63
N PRO A 9 -5.03 26.48 -5.75
CA PRO A 9 -5.97 25.59 -6.43
C PRO A 9 -6.28 24.35 -5.60
N GLN A 10 -7.42 23.73 -5.89
CA GLN A 10 -7.74 22.40 -5.37
C GLN A 10 -6.70 21.40 -5.84
N PRO A 11 -6.42 20.35 -5.02
CA PRO A 11 -5.53 19.31 -5.55
C PRO A 11 -6.11 18.70 -6.81
N ARG A 12 -5.27 18.38 -7.77
N ARG A 12 -5.26 18.38 -7.78
CA ARG A 12 -5.76 17.74 -8.99
CA ARG A 12 -5.72 17.76 -9.01
C ARG A 12 -6.31 16.35 -8.73
C ARG A 12 -6.20 16.32 -8.84
N TYR A 13 -5.65 15.62 -7.84
CA TYR A 13 -5.98 14.20 -7.58
C TYR A 13 -6.25 13.97 -6.10
N GLN A 14 -6.88 12.83 -5.78
N GLN A 14 -6.87 12.84 -5.79
CA GLN A 14 -7.06 12.41 -4.39
CA GLN A 14 -7.07 12.38 -4.41
C GLN A 14 -5.69 12.23 -3.75
C GLN A 14 -5.70 12.20 -3.75
N MET A 15 -5.55 12.79 -2.57
CA MET A 15 -4.28 12.72 -1.81
C MET A 15 -4.57 12.31 -0.39
N ASN A 16 -3.94 11.20 0.02
N ASN A 16 -3.95 11.21 0.03
CA ASN A 16 -4.10 10.66 1.37
CA ASN A 16 -4.09 10.74 1.40
C ASN A 16 -2.81 10.80 2.16
C ASN A 16 -2.80 11.03 2.14
N VAL A 17 -2.93 11.16 3.42
N VAL A 17 -2.90 11.47 3.39
CA VAL A 17 -1.74 11.38 4.21
CA VAL A 17 -1.69 11.73 4.15
C VAL A 17 -1.76 10.55 5.49
C VAL A 17 -1.78 11.03 5.51
N ALA A 18 -0.57 10.30 6.04
N ALA A 18 -0.66 10.49 5.98
CA ALA A 18 -0.46 9.52 7.27
CA ALA A 18 -0.66 9.66 7.19
C ALA A 18 -1.03 10.24 8.48
C ALA A 18 -1.20 10.37 8.42
N ASN A 19 -1.44 9.44 9.46
N ASN A 19 -1.67 9.58 9.37
CA ASN A 19 -1.94 9.94 10.73
CA ASN A 19 -2.19 10.12 10.62
C ASN A 19 -1.08 11.09 11.28
C ASN A 19 -1.19 11.06 11.26
N GLY A 20 -1.72 12.20 11.68
CA GLY A 20 -0.99 13.29 12.34
C GLY A 20 -0.50 14.39 11.41
N PHE A 21 -0.73 14.21 10.12
CA PHE A 21 -0.34 15.20 9.12
C PHE A 21 -1.54 15.71 8.34
N ARG A 22 -1.35 16.86 7.68
CA ARG A 22 -2.32 17.43 6.75
C ARG A 22 -1.55 17.78 5.47
N VAL A 23 -2.23 17.74 4.33
CA VAL A 23 -1.58 18.12 3.06
C VAL A 23 -2.48 19.11 2.31
N ALA A 24 -1.87 20.06 1.61
CA ALA A 24 -2.61 20.95 0.73
C ALA A 24 -1.71 21.44 -0.39
N PRO A 25 -2.29 21.80 -1.56
CA PRO A 25 -1.45 22.49 -2.56
C PRO A 25 -1.01 23.87 -2.11
N VAL A 26 0.24 24.21 -2.42
CA VAL A 26 0.68 25.62 -2.34
C VAL A 26 0.81 26.29 -3.70
N LEU A 27 1.06 25.49 -4.74
CA LEU A 27 1.26 26.00 -6.11
C LEU A 27 0.65 25.03 -7.09
N GLY A 28 -0.02 25.56 -8.11
CA GLY A 28 -0.52 24.76 -9.21
C GLY A 28 -0.31 25.43 -10.56
N GLY A 29 -0.52 24.65 -11.61
CA GLY A 29 -0.31 25.11 -12.98
C GLY A 29 1.13 25.45 -13.31
N LEU A 30 2.08 24.86 -12.58
CA LEU A 30 3.49 25.10 -12.87
C LEU A 30 3.95 24.27 -14.04
N THR A 31 5.07 24.68 -14.64
CA THR A 31 5.64 23.97 -15.76
C THR A 31 6.68 22.99 -15.21
N MET A 32 6.36 21.70 -15.24
CA MET A 32 7.30 20.65 -14.83
C MET A 32 8.18 20.99 -13.62
N PRO A 33 7.57 21.25 -12.46
CA PRO A 33 8.36 21.59 -11.28
C PRO A 33 9.18 20.36 -10.83
N ARG A 34 10.48 20.57 -10.66
CA ARG A 34 11.42 19.49 -10.36
C ARG A 34 12.05 19.71 -9.00
N GLY A 35 13.33 20.05 -8.96
CA GLY A 35 13.98 20.34 -7.68
C GLY A 35 13.41 21.55 -6.99
N ILE A 36 13.34 21.46 -5.67
CA ILE A 36 12.85 22.55 -4.84
C ILE A 36 13.79 22.70 -3.65
N THR A 37 13.88 23.93 -3.16
CA THR A 37 14.62 24.19 -1.94
C THR A 37 14.06 25.44 -1.28
N LEU A 38 14.59 25.76 -0.10
CA LEU A 38 14.26 26.99 0.62
C LEU A 38 15.53 27.79 0.80
N ASP A 39 15.43 29.09 0.57
CA ASP A 39 16.59 29.96 0.80
C ASP A 39 16.71 30.31 2.28
N THR A 40 17.71 31.12 2.62
CA THR A 40 17.96 31.43 4.04
C THR A 40 16.94 32.33 4.72
N ARG A 41 16.10 32.99 3.93
N ARG A 41 16.08 32.98 3.94
CA ARG A 41 14.96 33.72 4.47
CA ARG A 41 14.93 33.71 4.50
C ARG A 41 13.67 32.90 4.38
C ARG A 41 13.69 32.82 4.61
N GLY A 42 13.80 31.61 4.08
CA GLY A 42 12.67 30.67 4.05
C GLY A 42 11.80 30.71 2.81
N ASN A 43 12.16 31.52 1.81
CA ASN A 43 11.46 31.55 0.51
C ASN A 43 11.62 30.23 -0.21
N LEU A 44 10.62 29.83 -0.98
CA LEU A 44 10.68 28.61 -1.77
C LEU A 44 11.18 28.87 -3.19
N LEU A 45 12.14 28.05 -3.63
CA LEU A 45 12.67 28.11 -4.99
C LEU A 45 12.33 26.82 -5.70
N VAL A 46 11.85 26.94 -6.94
CA VAL A 46 11.38 25.78 -7.71
C VAL A 46 12.00 25.82 -9.11
N VAL A 47 12.63 24.72 -9.55
CA VAL A 47 13.02 24.60 -10.95
C VAL A 47 11.79 24.17 -11.74
N GLU A 48 11.31 25.05 -12.59
CA GLU A 48 10.21 24.74 -13.51
C GLU A 48 10.84 24.42 -14.85
N ARG A 49 11.02 23.13 -15.12
CA ARG A 49 11.78 22.67 -16.29
C ARG A 49 11.12 23.17 -17.58
N GLY A 50 11.89 23.95 -18.35
CA GLY A 50 11.39 24.58 -19.58
C GLY A 50 11.08 26.06 -19.43
N ARG A 51 11.02 26.54 -18.18
N ARG A 51 11.09 26.55 -18.19
CA ARG A 51 10.73 27.94 -17.85
CA ARG A 51 10.76 27.92 -17.87
C ARG A 51 11.90 28.61 -17.15
C ARG A 51 11.86 28.64 -17.09
N GLY A 52 12.28 28.09 -15.99
N GLY A 52 12.50 27.90 -16.18
CA GLY A 52 13.35 28.67 -15.21
CA GLY A 52 13.58 28.47 -15.38
C GLY A 52 13.20 28.45 -13.72
C GLY A 52 13.41 28.22 -13.90
N LEU A 53 14.03 29.11 -12.93
N LEU A 53 13.85 29.17 -13.09
CA LEU A 53 13.87 29.06 -11.49
CA LEU A 53 13.80 29.05 -11.63
C LEU A 53 12.81 30.08 -11.16
C LEU A 53 12.88 30.10 -11.03
N THR A 54 11.82 29.64 -10.37
CA THR A 54 10.81 30.56 -9.82
C THR A 54 10.95 30.66 -8.32
N GLY A 55 10.62 31.82 -7.77
CA GLY A 55 10.75 32.12 -6.37
C GLY A 55 9.42 32.49 -5.76
N HIS A 56 9.19 32.08 -4.53
CA HIS A 56 7.85 32.10 -3.93
C HIS A 56 7.95 32.52 -2.49
N THR A 57 7.31 33.64 -2.15
CA THR A 57 7.31 34.13 -0.77
C THR A 57 6.25 33.37 0.03
N LEU A 58 6.50 33.17 1.31
CA LEU A 58 5.65 32.35 2.17
C LEU A 58 5.07 33.12 3.33
N ASP A 59 3.86 32.76 3.74
CA ASP A 59 3.26 33.29 4.96
C ASP A 59 3.65 32.44 6.17
N ALA A 60 3.10 32.78 7.34
CA ALA A 60 3.44 32.09 8.59
C ALA A 60 3.00 30.62 8.65
N ASN A 61 2.02 30.26 7.83
CA ASN A 61 1.58 28.87 7.74
C ASN A 61 2.35 28.09 6.68
N GLY A 62 3.27 28.76 5.99
CA GLY A 62 4.03 28.14 4.91
C GLY A 62 3.35 28.15 3.56
N CYS A 63 2.22 28.86 3.46
CA CYS A 63 1.51 29.00 2.19
C CYS A 63 2.24 30.02 1.33
N VAL A 64 2.13 29.89 0.01
CA VAL A 64 2.77 30.85 -0.90
C VAL A 64 1.88 32.08 -1.06
N THR A 65 2.48 33.27 -0.99
CA THR A 65 1.77 34.54 -1.15
C THR A 65 2.03 35.22 -2.50
N SER A 66 3.21 34.99 -3.09
CA SER A 66 3.54 35.61 -4.37
C SER A 66 4.60 34.80 -5.08
N SER A 67 4.64 34.92 -6.39
CA SER A 67 5.65 34.25 -7.21
C SER A 67 6.31 35.21 -8.17
N LYS A 68 7.56 34.92 -8.52
CA LYS A 68 8.31 35.70 -9.51
C LYS A 68 9.28 34.78 -10.23
N VAL A 69 9.80 35.23 -11.37
CA VAL A 69 10.85 34.49 -12.07
C VAL A 69 12.19 34.96 -11.49
N VAL A 70 12.98 34.02 -10.99
CA VAL A 70 14.32 34.32 -10.47
C VAL A 70 15.34 34.14 -11.60
N ILE A 71 15.29 33.04 -12.34
CA ILE A 71 16.16 32.85 -13.51
C ILE A 71 15.28 32.48 -14.69
N GLN A 72 15.30 33.30 -15.74
CA GLN A 72 14.58 33.00 -16.95
C GLN A 72 15.51 32.18 -17.84
N ASP A 73 15.25 30.88 -17.94
CA ASP A 73 16.19 29.96 -18.60
C ASP A 73 15.46 28.68 -18.96
N THR A 74 15.50 28.28 -20.22
CA THR A 74 14.79 27.10 -20.71
C THR A 74 15.58 25.80 -20.60
N GLN A 75 16.83 25.90 -20.13
CA GLN A 75 17.74 24.75 -20.12
C GLN A 75 17.90 24.08 -18.75
N ILE A 76 17.80 24.85 -17.67
CA ILE A 76 17.93 24.25 -16.32
C ILE A 76 16.76 23.28 -16.11
N ASN A 77 17.05 22.05 -15.73
CA ASN A 77 16.05 20.99 -15.86
C ASN A 77 15.81 20.14 -14.61
N HIS A 78 16.51 20.39 -13.49
CA HIS A 78 16.25 19.63 -12.26
C HIS A 78 16.93 20.20 -11.02
N GLY A 79 18.26 20.25 -11.07
CA GLY A 79 19.10 20.51 -9.90
C GLY A 79 19.10 21.95 -9.45
N ILE A 80 19.11 22.15 -8.15
CA ILE A 80 19.12 23.48 -7.54
C ILE A 80 19.61 23.35 -6.11
N ASP A 81 20.49 24.26 -5.68
CA ASP A 81 20.78 24.35 -4.26
C ASP A 81 21.19 25.78 -3.91
N VAL A 82 21.03 26.09 -2.64
CA VAL A 82 21.39 27.39 -2.07
C VAL A 82 22.56 27.18 -1.14
N HIS A 83 23.60 28.00 -1.31
CA HIS A 83 24.78 27.95 -0.44
C HIS A 83 24.36 28.31 0.99
N PRO A 84 24.97 27.67 2.03
CA PRO A 84 24.69 28.01 3.44
C PRO A 84 24.77 29.50 3.80
N SER A 85 25.61 30.27 3.11
CA SER A 85 25.71 31.73 3.30
C SER A 85 24.43 32.43 2.89
N GLY A 86 23.66 31.78 2.02
CA GLY A 86 22.44 32.34 1.44
C GLY A 86 22.66 33.27 0.26
N ARG A 87 23.92 33.47 -0.14
CA ARG A 87 24.26 34.49 -1.13
C ARG A 87 24.72 33.98 -2.49
N ARG A 88 24.59 32.66 -2.70
N ARG A 88 24.56 32.67 -2.69
CA ARG A 88 24.91 32.02 -3.96
CA ARG A 88 24.93 31.99 -3.92
C ARG A 88 23.96 30.85 -4.15
C ARG A 88 23.95 30.85 -4.15
N ILE A 89 23.57 30.63 -5.40
CA ILE A 89 22.78 29.45 -5.79
C ILE A 89 23.50 28.74 -6.93
N ILE A 90 23.28 27.44 -7.04
CA ILE A 90 23.81 26.65 -8.14
C ILE A 90 22.65 25.88 -8.78
N ALA A 91 22.56 25.91 -10.10
CA ALA A 91 21.55 25.13 -10.84
C ALA A 91 22.17 24.59 -12.12
N SER A 92 21.57 23.56 -12.70
CA SER A 92 22.17 22.88 -13.82
C SER A 92 21.20 22.54 -14.93
N SER A 93 21.71 22.51 -16.14
CA SER A 93 21.07 21.84 -17.26
C SER A 93 21.61 20.41 -17.31
N GLY A 94 21.29 19.67 -18.36
CA GLY A 94 21.91 18.37 -18.58
C GLY A 94 23.40 18.44 -18.88
N ASP A 95 23.88 19.61 -19.30
CA ASP A 95 25.24 19.78 -19.77
C ASP A 95 26.14 20.55 -18.83
N ILE A 96 25.59 21.54 -18.15
CA ILE A 96 26.39 22.55 -17.45
C ILE A 96 25.79 22.85 -16.07
N ALA A 97 26.65 23.03 -15.06
CA ALA A 97 26.24 23.64 -13.79
C ALA A 97 26.78 25.06 -13.70
N TRP A 98 25.93 25.99 -13.31
CA TRP A 98 26.28 27.39 -13.14
C TRP A 98 26.03 27.83 -11.71
N SER A 99 26.74 28.86 -11.26
CA SER A 99 26.36 29.58 -10.06
C SER A 99 25.83 30.97 -10.41
N TRP A 100 25.05 31.53 -9.51
CA TRP A 100 24.63 32.94 -9.55
C TRP A 100 24.82 33.53 -8.18
N ASP A 101 25.21 34.80 -8.12
CA ASP A 101 25.02 35.58 -6.91
C ASP A 101 23.53 35.67 -6.62
N TYR A 102 23.18 35.63 -5.35
CA TYR A 102 21.78 35.57 -4.94
C TYR A 102 21.50 36.45 -3.74
N ASP A 103 20.44 37.25 -3.82
N ASP A 103 20.41 37.20 -3.84
CA ASP A 103 20.03 38.05 -2.68
CA ASP A 103 19.95 38.09 -2.78
C ASP A 103 18.64 37.62 -2.28
C ASP A 103 18.59 37.60 -2.31
N PRO A 104 18.50 37.00 -1.09
CA PRO A 104 17.19 36.50 -0.65
C PRO A 104 16.18 37.60 -0.32
N ALA A 105 16.65 38.84 -0.12
CA ALA A 105 15.72 39.94 0.21
C ALA A 105 14.72 40.17 -0.92
N THR A 106 15.16 39.99 -2.16
CA THR A 106 14.33 40.22 -3.35
C THR A 106 14.23 38.98 -4.25
N MET A 107 14.89 37.89 -3.86
CA MET A 107 15.01 36.66 -4.68
C MET A 107 15.55 36.99 -6.07
N THR A 108 16.71 37.63 -6.08
CA THR A 108 17.34 38.06 -7.31
C THR A 108 18.66 37.32 -7.54
N ALA A 109 18.77 36.77 -8.73
CA ALA A 109 19.96 36.04 -9.18
C ALA A 109 20.69 36.86 -10.24
N THR A 110 21.98 37.07 -10.00
CA THR A 110 22.81 37.86 -10.91
C THR A 110 24.16 37.17 -11.13
N ASN A 111 24.93 37.69 -12.10
N ASN A 111 24.90 37.66 -12.14
CA ASN A 111 26.33 37.31 -12.31
CA ASN A 111 26.31 37.33 -12.33
C ASN A 111 26.54 35.81 -12.48
C ASN A 111 26.55 35.83 -12.49
N ARG A 112 25.91 35.24 -13.50
CA ARG A 112 26.06 33.82 -13.81
C ARG A 112 27.52 33.45 -14.09
N ARG A 113 27.96 32.34 -13.50
CA ARG A 113 29.29 31.82 -13.69
C ARG A 113 29.21 30.35 -14.08
N THR A 114 29.94 29.96 -15.11
CA THR A 114 30.02 28.57 -15.52
C THR A 114 30.95 27.79 -14.60
N LEU A 115 30.46 26.71 -14.00
CA LEU A 115 31.27 25.90 -13.08
C LEU A 115 31.79 24.60 -13.68
N VAL A 116 30.87 23.79 -14.22
CA VAL A 116 31.18 22.43 -14.64
C VAL A 116 30.49 22.18 -15.98
N THR A 117 31.22 21.60 -16.94
CA THR A 117 30.74 21.50 -18.33
C THR A 117 30.82 20.08 -18.87
N GLY A 118 30.20 19.88 -20.04
CA GLY A 118 30.37 18.66 -20.82
C GLY A 118 29.60 17.44 -20.32
N MET A 119 28.56 17.66 -19.53
CA MET A 119 27.85 16.56 -18.87
C MET A 119 26.73 15.92 -19.67
N ASN A 120 26.37 16.49 -20.82
CA ASN A 120 25.15 16.04 -21.47
C ASN A 120 25.13 14.59 -21.93
N ASN A 121 24.01 13.91 -21.67
CA ASN A 121 23.62 12.73 -22.44
C ASN A 121 22.10 12.76 -22.54
N PHE A 122 21.51 12.08 -23.51
N PHE A 122 21.56 12.00 -23.50
CA PHE A 122 20.07 12.23 -23.75
CA PHE A 122 20.15 12.02 -23.86
C PHE A 122 19.21 11.23 -22.99
C PHE A 122 19.32 10.99 -23.12
N TYR A 123 19.87 10.26 -22.37
N TYR A 123 19.95 10.19 -22.28
CA TYR A 123 19.17 9.20 -21.64
CA TYR A 123 19.21 9.12 -21.62
C TYR A 123 18.81 9.63 -20.22
C TYR A 123 18.84 9.43 -20.16
N HIS A 124 19.83 9.83 -19.38
CA HIS A 124 19.66 10.35 -18.01
C HIS A 124 20.28 11.74 -18.02
N PHE A 125 19.45 12.77 -17.91
CA PHE A 125 19.89 14.13 -18.18
C PHE A 125 19.70 15.12 -17.04
N THR A 126 19.30 14.63 -15.86
CA THR A 126 19.27 15.50 -14.68
C THR A 126 20.67 15.56 -14.06
N ARG A 127 21.01 16.71 -13.51
CA ARG A 127 22.33 16.89 -12.91
C ARG A 127 22.16 17.47 -11.50
N THR A 128 21.75 16.59 -10.58
CA THR A 128 21.46 16.98 -9.21
C THR A 128 22.67 17.68 -8.60
N VAL A 129 22.38 18.78 -7.90
CA VAL A 129 23.36 19.64 -7.23
C VAL A 129 23.14 19.48 -5.72
N HIS A 130 24.21 19.21 -4.98
CA HIS A 130 24.16 19.29 -3.52
C HIS A 130 25.37 20.03 -3.00
N ILE A 131 25.16 21.18 -2.39
CA ILE A 131 26.24 21.92 -1.73
C ILE A 131 26.42 21.32 -0.34
N SER A 132 27.65 20.94 0.00
CA SER A 132 27.93 20.40 1.32
C SER A 132 27.64 21.46 2.41
N ARG A 133 26.81 21.11 3.39
N ARG A 133 26.79 21.10 3.37
CA ARG A 133 26.53 22.02 4.52
CA ARG A 133 26.52 21.98 4.52
C ARG A 133 27.62 21.97 5.59
C ARG A 133 27.70 22.01 5.47
N LYS A 134 28.32 20.84 5.68
CA LYS A 134 29.47 20.72 6.59
C LYS A 134 30.68 21.45 6.01
N TYR A 135 30.87 21.34 4.69
CA TYR A 135 32.04 21.87 3.99
C TYR A 135 31.59 22.77 2.84
N PRO A 136 31.22 24.03 3.14
CA PRO A 136 30.40 24.79 2.16
C PRO A 136 31.07 25.19 0.86
N ASN A 137 32.40 25.07 0.76
CA ASN A 137 33.08 25.27 -0.52
C ASN A 137 32.91 24.08 -1.46
N LEU A 138 32.45 22.94 -0.96
CA LEU A 138 32.31 21.74 -1.78
C LEU A 138 30.89 21.55 -2.30
N PHE A 139 30.78 21.07 -3.53
CA PHE A 139 29.46 20.69 -4.06
C PHE A 139 29.55 19.42 -4.88
N ALA A 140 28.49 18.62 -4.81
CA ALA A 140 28.40 17.36 -5.56
C ALA A 140 27.49 17.53 -6.77
N LEU A 141 27.83 16.83 -7.85
CA LEU A 141 27.00 16.75 -9.05
C LEU A 141 26.85 15.31 -9.47
N ASN A 142 25.61 14.92 -9.80
CA ASN A 142 25.32 13.60 -10.35
C ASN A 142 25.27 13.62 -11.88
N VAL A 143 25.84 12.59 -12.52
CA VAL A 143 25.62 12.32 -13.95
C VAL A 143 25.20 10.87 -14.07
N GLY A 144 23.95 10.64 -14.47
CA GLY A 144 23.45 9.29 -14.68
C GLY A 144 23.96 8.65 -15.97
N SER A 145 23.75 7.34 -16.06
CA SER A 145 24.20 6.54 -17.20
C SER A 145 23.59 6.99 -18.52
N ASP A 146 24.32 6.78 -19.61
CA ASP A 146 23.79 6.95 -20.96
C ASP A 146 23.31 5.59 -21.46
N GLY A 147 22.14 5.19 -20.98
CA GLY A 147 21.52 3.93 -21.37
C GLY A 147 21.17 3.11 -20.14
N ASN A 148 20.27 2.15 -20.32
CA ASN A 148 19.86 1.29 -19.21
C ASN A 148 21.07 0.55 -18.62
N ILE A 149 21.87 -0.04 -19.51
CA ILE A 149 23.12 -0.74 -19.15
C ILE A 149 24.28 -0.14 -19.94
N ASP A 150 24.92 0.85 -19.35
CA ASP A 150 25.97 1.65 -19.98
C ASP A 150 27.33 1.03 -19.61
N VAL A 151 27.78 0.09 -20.44
CA VAL A 151 28.95 -0.75 -20.12
C VAL A 151 30.25 0.06 -19.87
N PRO A 152 30.50 1.15 -20.65
CA PRO A 152 31.68 1.99 -20.36
C PRO A 152 31.77 2.58 -18.94
N THR A 153 30.66 2.61 -18.19
CA THR A 153 30.66 3.14 -16.82
C THR A 153 31.43 2.27 -15.84
N ARG A 154 31.89 1.10 -16.32
CA ARG A 154 32.88 0.30 -15.58
C ARG A 154 34.12 1.12 -15.24
N GLN A 155 34.44 2.11 -16.07
CA GLN A 155 35.57 3.02 -15.86
C GLN A 155 35.12 4.34 -15.30
N GLN A 156 35.81 4.78 -14.24
CA GLN A 156 35.55 6.11 -13.66
C GLN A 156 35.62 7.24 -14.68
N ASN A 157 36.58 7.18 -15.61
N ASN A 157 36.57 7.16 -15.62
CA ASN A 157 36.77 8.26 -16.58
CA ASN A 157 36.79 8.21 -16.59
C ASN A 157 35.72 8.31 -17.70
C ASN A 157 35.70 8.34 -17.66
N SER A 158 34.70 7.44 -17.60
CA SER A 158 33.51 7.53 -18.46
C SER A 158 32.71 8.81 -18.16
N GLY A 159 32.80 9.27 -16.91
CA GLY A 159 32.07 10.44 -16.45
C GLY A 159 30.57 10.24 -16.29
N ARG A 160 30.12 8.99 -16.26
CA ARG A 160 28.69 8.69 -16.12
C ARG A 160 28.45 7.63 -15.07
N ALA A 161 27.19 7.58 -14.61
CA ALA A 161 26.76 6.72 -13.48
C ALA A 161 27.63 6.99 -12.25
N GLN A 162 27.75 8.27 -11.90
CA GLN A 162 28.68 8.65 -10.84
C GLN A 162 28.40 10.05 -10.32
N ILE A 163 28.91 10.30 -9.11
CA ILE A 163 28.82 11.59 -8.44
C ILE A 163 30.24 12.09 -8.19
N ARG A 164 30.52 13.32 -8.59
CA ARG A 164 31.81 13.97 -8.31
C ARG A 164 31.62 15.17 -7.41
N VAL A 165 32.64 15.45 -6.59
CA VAL A 165 32.65 16.60 -5.69
C VAL A 165 33.68 17.60 -6.20
N PHE A 166 33.26 18.86 -6.28
CA PHE A 166 34.08 19.97 -6.76
C PHE A 166 34.28 20.98 -5.65
N ASP A 167 35.46 21.59 -5.64
CA ASP A 167 35.77 22.66 -4.71
C ASP A 167 35.58 23.98 -5.46
N TYR A 168 34.49 24.68 -5.13
CA TYR A 168 34.12 25.93 -5.78
C TYR A 168 35.29 26.93 -5.81
N ASP A 169 35.99 27.01 -4.68
CA ASP A 169 37.08 27.97 -4.48
C ASP A 169 38.31 27.70 -5.33
N GLN A 170 38.40 26.50 -5.89
CA GLN A 170 39.53 26.11 -6.75
C GLN A 170 39.23 26.20 -8.25
N LEU A 171 37.96 26.38 -8.64
CA LEU A 171 37.60 26.34 -10.05
C LEU A 171 38.07 27.57 -10.80
N PRO A 172 38.72 27.37 -11.97
CA PRO A 172 39.00 28.48 -12.88
C PRO A 172 37.71 29.20 -13.27
N GLN A 173 37.82 30.50 -13.51
CA GLN A 173 36.67 31.36 -13.77
C GLN A 173 35.65 30.86 -14.79
N ASN A 174 36.13 30.27 -15.89
CA ASN A 174 35.27 29.79 -16.98
C ASN A 174 34.80 28.33 -16.84
N GLY A 175 35.17 27.69 -15.74
CA GLY A 175 34.66 26.36 -15.42
C GLY A 175 35.57 25.24 -15.89
N VAL A 176 35.16 24.02 -15.56
CA VAL A 176 35.96 22.82 -15.77
C VAL A 176 35.09 21.69 -16.33
N PRO A 177 35.68 20.74 -17.10
CA PRO A 177 34.92 19.54 -17.47
C PRO A 177 34.57 18.70 -16.24
N PHE A 178 33.44 18.00 -16.30
CA PHE A 178 33.06 17.09 -15.21
C PHE A 178 34.14 16.06 -14.96
N VAL A 179 34.65 15.47 -16.05
CA VAL A 179 35.80 14.56 -15.97
C VAL A 179 37.08 15.39 -16.03
N SER A 180 37.60 15.69 -14.85
CA SER A 180 38.81 16.50 -14.66
C SER A 180 39.31 16.26 -13.26
N GLN A 181 40.52 16.73 -12.95
N GLN A 181 40.51 16.78 -12.99
CA GLN A 181 41.09 16.52 -11.60
CA GLN A 181 41.16 16.81 -11.68
C GLN A 181 40.31 17.29 -10.52
C GLN A 181 40.30 17.52 -10.64
N TYR A 182 39.55 18.30 -10.93
N TYR A 182 39.43 18.40 -11.11
CA TYR A 182 38.71 19.05 -10.00
CA TYR A 182 38.59 19.20 -10.24
C TYR A 182 37.48 18.27 -9.56
C TYR A 182 37.38 18.44 -9.70
N GLY A 183 36.96 17.40 -10.43
CA GLY A 183 35.80 16.58 -10.09
C GLY A 183 36.28 15.29 -9.46
N ARG A 184 36.30 15.25 -8.14
CA ARG A 184 36.78 14.05 -7.46
C ARG A 184 35.65 13.05 -7.28
N VAL A 185 35.89 11.81 -7.68
CA VAL A 185 34.85 10.79 -7.69
C VAL A 185 34.48 10.39 -6.28
N LEU A 186 33.24 10.67 -5.90
CA LEU A 186 32.71 10.29 -4.59
C LEU A 186 32.16 8.86 -4.65
N GLY A 187 31.37 8.58 -5.68
CA GLY A 187 30.85 7.25 -5.92
C GLY A 187 30.73 7.08 -7.42
N TYR A 188 30.94 5.85 -7.89
CA TYR A 188 30.74 5.51 -9.29
C TYR A 188 30.10 4.13 -9.34
N GLY A 189 29.71 3.68 -10.53
CA GLY A 189 28.87 2.49 -10.60
C GLY A 189 27.53 2.72 -9.93
N LEU A 190 26.99 3.93 -10.12
CA LEU A 190 25.71 4.38 -9.56
C LEU A 190 24.81 4.76 -10.72
N ARG A 191 23.86 3.90 -11.09
CA ARG A 191 23.17 4.04 -12.39
C ARG A 191 22.59 5.43 -12.65
N ASN A 192 21.74 5.90 -11.72
CA ASN A 192 21.18 7.24 -11.81
C ASN A 192 20.74 7.68 -10.42
N ASP A 193 21.61 8.42 -9.74
CA ASP A 193 21.38 8.82 -8.36
C ASP A 193 20.91 10.25 -8.29
N VAL A 194 19.63 10.42 -8.60
CA VAL A 194 19.01 11.74 -8.67
C VAL A 194 18.86 12.38 -7.29
N GLY A 195 18.57 11.58 -6.27
CA GLY A 195 18.40 12.12 -4.92
C GLY A 195 19.72 12.08 -4.17
N ILE A 196 20.15 13.23 -3.67
CA ILE A 196 21.39 13.36 -2.89
C ILE A 196 21.09 14.25 -1.70
N THR A 197 21.48 13.84 -0.49
CA THR A 197 21.39 14.70 0.69
C THR A 197 22.57 14.42 1.61
N GLU A 198 22.55 15.02 2.79
CA GLU A 198 23.59 14.76 3.77
C GLU A 198 23.00 14.64 5.15
N ASP A 199 23.65 13.84 5.98
CA ASP A 199 23.25 13.73 7.38
C ASP A 199 23.94 14.80 8.23
N ARG A 200 23.71 14.74 9.53
CA ARG A 200 24.17 15.77 10.47
C ARG A 200 25.68 15.73 10.69
N ALA A 201 26.31 14.61 10.35
CA ALA A 201 27.77 14.45 10.39
C ALA A 201 28.45 14.91 9.11
N GLY A 202 27.65 15.21 8.07
CA GLY A 202 28.20 15.62 6.79
C GLY A 202 28.39 14.49 5.78
N ASN A 203 27.99 13.27 6.11
CA ASN A 203 28.03 12.17 5.13
C ASN A 203 27.02 12.43 4.02
N ILE A 204 27.43 12.18 2.78
CA ILE A 204 26.53 12.25 1.63
C ILE A 204 25.82 10.92 1.47
N HIS A 205 24.50 10.96 1.41
CA HIS A 205 23.69 9.79 1.08
C HIS A 205 23.07 10.05 -0.29
N SER A 206 23.05 9.01 -1.11
CA SER A 206 22.46 9.11 -2.44
C SER A 206 21.46 7.98 -2.60
N ILE A 207 20.49 8.18 -3.51
CA ILE A 207 19.47 7.17 -3.74
C ILE A 207 19.36 6.91 -5.24
N GLU A 208 19.18 5.64 -5.58
CA GLU A 208 19.35 5.18 -6.95
C GLU A 208 18.08 4.69 -7.63
N ASN A 209 17.92 5.12 -8.88
CA ASN A 209 17.01 4.50 -9.86
C ASN A 209 17.74 3.36 -10.53
N SER A 210 17.23 2.15 -10.32
CA SER A 210 17.93 0.98 -10.81
C SER A 210 17.39 0.47 -12.17
N LEU A 211 17.84 -0.73 -12.51
CA LEU A 211 17.73 -1.34 -13.83
C LEU A 211 16.30 -1.58 -14.29
N ASP A 212 16.07 -1.30 -15.57
CA ASP A 212 14.80 -1.59 -16.22
C ASP A 212 14.88 -2.94 -16.91
N ASN A 213 13.74 -3.63 -16.99
CA ASN A 213 13.64 -4.88 -17.76
C ASN A 213 14.68 -5.92 -17.34
N ALA A 214 14.89 -6.06 -16.04
CA ALA A 214 15.85 -7.04 -15.50
C ALA A 214 15.53 -8.46 -15.93
N TYR A 215 16.57 -9.21 -16.26
CA TYR A 215 16.44 -10.65 -16.48
C TYR A 215 17.52 -11.40 -15.70
N ARG A 216 17.32 -12.71 -15.59
CA ARG A 216 18.28 -13.59 -14.95
C ARG A 216 18.40 -14.84 -15.83
N MET A 217 19.64 -15.15 -16.22
CA MET A 217 19.90 -16.36 -17.01
C MET A 217 19.90 -17.55 -16.08
N VAL A 218 19.06 -18.53 -16.41
CA VAL A 218 18.90 -19.76 -15.62
C VAL A 218 19.03 -20.91 -16.61
N ASN A 219 20.15 -21.66 -16.51
CA ASN A 219 20.45 -22.76 -17.45
C ASN A 219 20.26 -22.32 -18.90
N GLY A 220 20.76 -21.13 -19.22
CA GLY A 220 20.75 -20.60 -20.59
C GLY A 220 19.46 -19.97 -21.06
N GLN A 221 18.43 -20.00 -20.24
CA GLN A 221 17.17 -19.36 -20.60
C GLN A 221 16.98 -18.06 -19.83
N ARG A 222 16.46 -17.07 -20.54
CA ARG A 222 16.24 -15.74 -20.02
C ARG A 222 14.95 -15.70 -19.19
N ARG A 223 15.11 -15.63 -17.87
CA ARG A 223 13.96 -15.46 -16.99
C ARG A 223 13.70 -13.96 -16.81
N ASP A 224 12.48 -13.55 -17.14
CA ASP A 224 12.03 -12.18 -16.92
C ASP A 224 11.75 -11.99 -15.44
N ILE A 225 12.58 -11.18 -14.78
CA ILE A 225 12.45 -10.92 -13.34
C ILE A 225 12.16 -9.44 -13.04
N HIS A 226 11.70 -8.70 -14.05
CA HIS A 226 11.63 -7.25 -13.88
C HIS A 226 10.51 -6.78 -12.96
N THR A 227 9.43 -7.54 -12.81
CA THR A 227 8.30 -7.04 -12.02
C THR A 227 8.73 -6.65 -10.61
N ASN A 228 9.51 -7.53 -9.97
CA ASN A 228 9.89 -7.36 -8.58
C ASN A 228 11.40 -7.35 -8.33
N ASN A 229 12.17 -6.97 -9.36
CA ASN A 229 13.62 -6.84 -9.23
C ASN A 229 14.13 -5.83 -10.26
N PRO A 230 15.24 -5.14 -10.00
CA PRO A 230 15.97 -5.16 -8.73
C PRO A 230 15.45 -4.07 -7.78
N ALA A 231 16.01 -4.03 -6.58
CA ALA A 231 15.64 -3.00 -5.61
C ALA A 231 16.12 -1.60 -6.01
N GLU A 232 15.34 -0.58 -5.66
CA GLU A 232 15.90 0.78 -5.53
C GLU A 232 16.67 0.81 -4.21
N LYS A 233 17.58 1.76 -4.04
CA LYS A 233 18.51 1.65 -2.91
C LYS A 233 19.21 2.96 -2.58
N VAL A 234 19.60 3.08 -1.31
CA VAL A 234 20.39 4.20 -0.80
C VAL A 234 21.82 3.77 -0.56
N TYR A 235 22.78 4.64 -0.91
CA TYR A 235 24.18 4.46 -0.53
C TYR A 235 24.60 5.56 0.41
N ASN A 236 25.39 5.19 1.42
CA ASN A 236 26.08 6.16 2.26
C ASN A 236 27.47 6.37 1.66
N LEU A 237 27.65 7.50 0.98
CA LEU A 237 28.90 7.78 0.29
C LEU A 237 29.95 8.48 1.16
N GLY A 238 29.58 8.75 2.40
CA GLY A 238 30.53 9.25 3.39
C GLY A 238 30.96 10.69 3.20
N ASP A 239 32.15 10.99 3.69
N ASP A 239 32.12 11.02 3.75
CA ASP A 239 32.74 12.32 3.78
CA ASP A 239 32.58 12.39 3.87
C ASP A 239 33.11 12.88 2.41
C ASP A 239 33.08 12.91 2.51
N PRO A 240 32.44 13.98 1.97
CA PRO A 240 32.80 14.49 0.63
C PRO A 240 34.12 15.27 0.58
N SER A 241 34.70 15.56 1.74
CA SER A 241 36.05 16.16 1.81
C SER A 241 37.14 15.09 1.69
N ASN A 242 36.73 13.81 1.79
CA ASN A 242 37.64 12.68 1.63
C ASN A 242 37.04 11.68 0.62
N PRO A 243 36.89 12.09 -0.66
CA PRO A 243 36.27 11.18 -1.63
C PRO A 243 37.17 9.99 -1.94
N ARG A 244 36.57 8.81 -2.02
CA ARG A 244 37.32 7.57 -2.16
C ARG A 244 36.79 6.69 -3.30
N ALA A 245 35.95 7.27 -4.17
CA ALA A 245 35.42 6.54 -5.33
C ALA A 245 34.81 5.19 -4.96
N ILE A 246 33.79 5.24 -4.10
CA ILE A 246 33.01 4.05 -3.72
C ILE A 246 32.35 3.47 -4.97
N PHE A 247 32.52 2.17 -5.17
N PHE A 247 32.54 2.17 -5.19
CA PHE A 247 31.97 1.42 -6.31
CA PHE A 247 31.96 1.48 -6.34
C PHE A 247 30.64 0.82 -5.90
C PHE A 247 30.66 0.77 -5.98
N GLY A 248 29.56 1.28 -6.54
CA GLY A 248 28.20 0.81 -6.21
C GLY A 248 27.69 -0.41 -6.97
N GLY A 249 28.46 -0.91 -7.93
CA GLY A 249 28.09 -2.15 -8.60
C GLY A 249 27.70 -2.06 -10.06
N TYR A 250 27.06 -0.96 -10.44
CA TYR A 250 26.62 -0.77 -11.82
C TYR A 250 27.86 -0.67 -12.73
N PRO A 251 27.87 -1.24 -13.95
CA PRO A 251 26.72 -1.73 -14.70
C PRO A 251 26.49 -3.24 -14.62
N ASP A 252 27.24 -3.93 -13.76
CA ASP A 252 27.17 -5.40 -13.72
C ASP A 252 26.40 -5.98 -12.55
N CYS A 253 26.43 -5.29 -11.41
CA CYS A 253 25.91 -5.81 -10.16
C CYS A 253 24.67 -5.06 -9.75
N TYR A 254 23.62 -5.81 -9.42
CA TYR A 254 22.32 -5.27 -9.03
C TYR A 254 21.90 -5.85 -7.69
N THR A 255 20.92 -5.23 -7.04
CA THR A 255 20.54 -5.62 -5.69
C THR A 255 19.21 -6.35 -5.68
N VAL A 256 19.21 -7.52 -5.04
CA VAL A 256 18.01 -8.33 -4.90
C VAL A 256 16.95 -7.61 -4.08
N TRP A 257 15.73 -7.56 -4.62
CA TRP A 257 14.55 -7.25 -3.84
C TRP A 257 13.83 -8.54 -3.51
N GLU A 258 13.33 -9.23 -4.54
CA GLU A 258 12.53 -10.44 -4.35
C GLU A 258 13.39 -11.70 -4.52
N PRO A 259 13.66 -12.42 -3.39
CA PRO A 259 14.48 -13.64 -3.51
C PRO A 259 13.87 -14.79 -4.32
N SER A 260 12.54 -14.84 -4.43
CA SER A 260 11.87 -15.98 -5.10
C SER A 260 12.17 -16.07 -6.60
N ASP A 261 12.68 -14.97 -7.17
CA ASP A 261 13.14 -14.92 -8.56
C ASP A 261 14.46 -15.63 -8.80
N PHE A 262 15.13 -16.05 -7.72
CA PHE A 262 16.46 -16.66 -7.79
C PHE A 262 16.45 -18.12 -7.33
N THR A 263 16.25 -19.00 -8.30
CA THR A 263 16.05 -20.45 -8.04
C THR A 263 17.32 -21.29 -8.08
N ASP A 264 18.31 -20.85 -8.84
CA ASP A 264 19.60 -21.56 -8.97
C ASP A 264 20.38 -21.64 -7.65
N SER A 265 20.32 -20.56 -6.89
CA SER A 265 20.99 -20.45 -5.59
C SER A 265 20.22 -19.45 -4.71
N PRO A 266 20.06 -19.77 -3.40
CA PRO A 266 19.31 -18.91 -2.49
C PRO A 266 19.90 -17.50 -2.31
N LYS A 267 19.01 -16.51 -2.30
CA LYS A 267 19.38 -15.11 -2.09
C LYS A 267 18.52 -14.51 -0.98
N GLN A 268 19.06 -13.45 -0.36
CA GLN A 268 18.34 -12.60 0.59
C GLN A 268 18.19 -11.22 -0.07
N PRO A 269 17.15 -10.45 0.31
CA PRO A 269 17.10 -9.04 -0.13
C PRO A 269 18.38 -8.32 0.28
N GLY A 270 18.91 -7.52 -0.63
CA GLY A 270 20.18 -6.82 -0.40
C GLY A 270 21.38 -7.52 -0.99
N ASP A 271 21.26 -8.81 -1.30
CA ASP A 271 22.33 -9.57 -1.96
C ASP A 271 22.56 -9.04 -3.37
N TRP A 272 23.75 -9.29 -3.91
CA TRP A 272 24.05 -8.96 -5.28
C TRP A 272 23.56 -10.03 -6.24
N PHE A 273 23.17 -9.59 -7.42
CA PHE A 273 23.01 -10.50 -8.56
C PHE A 273 23.50 -9.84 -9.84
N THR A 274 23.91 -10.69 -10.78
CA THR A 274 24.17 -10.27 -12.16
C THR A 274 23.13 -10.93 -13.07
N GLN A 275 22.90 -10.33 -14.23
CA GLN A 275 21.92 -10.91 -15.17
C GLN A 275 22.40 -12.25 -15.74
N ASP A 276 23.68 -12.35 -16.08
CA ASP A 276 24.22 -13.55 -16.74
C ASP A 276 24.94 -14.55 -15.81
N ASN A 277 25.51 -14.05 -14.71
CA ASN A 277 26.29 -14.86 -13.74
C ASN A 277 27.34 -15.76 -14.41
N SER A 278 28.14 -15.14 -15.27
CA SER A 278 29.16 -15.83 -16.07
C SER A 278 30.30 -14.87 -16.41
N GLY A 279 31.40 -15.42 -16.91
CA GLY A 279 32.60 -14.64 -17.22
C GLY A 279 33.23 -14.05 -15.97
N GLN A 280 33.85 -12.88 -16.12
N GLN A 280 33.85 -12.88 -16.12
CA GLN A 280 34.51 -12.18 -15.01
CA GLN A 280 34.50 -12.18 -15.00
C GLN A 280 33.54 -11.58 -13.99
C GLN A 280 33.48 -11.66 -13.97
N TYR A 281 32.43 -11.02 -14.47
CA TYR A 281 31.45 -10.32 -13.60
C TYR A 281 30.29 -11.22 -13.15
N THR A 282 30.58 -12.03 -12.12
CA THR A 282 29.64 -12.99 -11.53
C THR A 282 29.04 -12.47 -10.21
N ASP A 283 28.04 -13.17 -9.67
CA ASP A 283 27.48 -12.87 -8.34
C ASP A 283 28.58 -12.78 -7.28
N ALA A 284 29.49 -13.76 -7.29
CA ALA A 284 30.61 -13.82 -6.36
C ALA A 284 31.56 -12.63 -6.50
N TRP A 285 31.83 -12.24 -7.75
CA TRP A 285 32.64 -11.05 -8.04
C TRP A 285 32.04 -9.79 -7.44
N CYS A 286 30.72 -9.65 -7.56
CA CYS A 286 30.01 -8.49 -6.98
C CYS A 286 30.18 -8.44 -5.47
N ASN A 287 30.07 -9.60 -4.82
CA ASN A 287 30.25 -9.69 -3.37
C ASN A 287 31.62 -9.23 -2.91
N ALA A 288 32.65 -9.57 -3.70
CA ALA A 288 34.03 -9.25 -3.39
C ALA A 288 34.45 -7.83 -3.78
N ASN A 289 33.69 -7.17 -4.66
CA ASN A 289 34.14 -5.90 -5.26
C ASN A 289 33.21 -4.69 -5.09
N ALA A 290 31.91 -4.92 -4.97
CA ALA A 290 30.94 -3.83 -4.89
C ALA A 290 30.52 -3.51 -3.47
N VAL A 291 30.30 -2.23 -3.18
CA VAL A 291 29.88 -1.79 -1.86
C VAL A 291 28.35 -1.83 -1.80
N LYS A 292 27.82 -2.44 -0.76
CA LYS A 292 26.37 -2.58 -0.60
C LYS A 292 25.67 -1.28 -0.18
N PRO A 293 24.41 -1.13 -0.63
CA PRO A 293 23.56 -0.06 -0.15
C PRO A 293 23.18 -0.26 1.34
N THR A 294 22.60 0.77 1.93
CA THR A 294 22.20 0.71 3.32
C THR A 294 20.75 0.31 3.56
N LEU A 295 19.89 0.57 2.56
CA LEU A 295 18.45 0.25 2.66
C LEU A 295 17.89 0.12 1.25
N LEU A 296 16.78 -0.58 1.17
CA LEU A 296 16.09 -0.87 -0.09
C LEU A 296 14.74 -0.20 -0.12
N LEU A 297 14.30 0.11 -1.35
CA LEU A 297 12.94 0.55 -1.60
C LEU A 297 12.39 -0.23 -2.81
N PRO A 298 11.05 -0.30 -2.96
CA PRO A 298 10.52 -1.29 -3.91
C PRO A 298 10.88 -1.04 -5.36
N PRO A 299 11.03 -2.10 -6.15
CA PRO A 299 11.42 -1.98 -7.55
C PRO A 299 10.57 -0.99 -8.34
N HIS A 300 11.26 -0.19 -9.15
CA HIS A 300 10.63 0.74 -10.11
C HIS A 300 9.92 1.93 -9.48
N THR A 301 10.03 2.11 -8.15
CA THR A 301 9.33 3.22 -7.51
C THR A 301 9.92 4.58 -7.84
N ALA A 302 11.14 4.60 -8.37
CA ALA A 302 11.75 5.79 -8.98
C ALA A 302 11.94 6.94 -7.98
N PRO A 303 12.80 6.73 -6.98
CA PRO A 303 13.10 7.81 -6.04
C PRO A 303 13.83 8.94 -6.73
N LEU A 304 13.40 10.17 -6.49
CA LEU A 304 14.05 11.32 -7.12
C LEU A 304 14.61 12.34 -6.15
N ASP A 305 14.24 12.23 -4.88
CA ASP A 305 14.81 13.10 -3.84
C ASP A 305 14.61 12.42 -2.51
N MET A 306 15.43 12.84 -1.55
CA MET A 306 15.25 12.42 -0.17
C MET A 306 15.81 13.47 0.75
N LYS A 307 15.22 13.55 1.93
CA LYS A 307 15.61 14.53 2.95
C LYS A 307 15.41 13.91 4.31
N PHE A 308 16.37 14.17 5.21
CA PHE A 308 16.21 13.75 6.59
C PHE A 308 15.27 14.69 7.33
N GLY A 309 14.49 14.12 8.25
CA GLY A 309 13.75 14.92 9.23
C GLY A 309 14.70 15.75 10.09
N LEU A 310 14.15 16.79 10.70
CA LEU A 310 14.93 17.69 11.55
C LEU A 310 14.63 17.48 13.02
N GLY A 311 15.57 17.91 13.86
CA GLY A 311 15.40 17.86 15.32
C GLY A 311 15.20 16.44 15.81
N ASN A 312 14.10 16.19 16.52
N ASN A 312 14.10 16.21 16.52
CA ASN A 312 13.85 14.86 17.07
CA ASN A 312 13.77 14.90 17.08
C ASN A 312 13.16 13.91 16.09
C ASN A 312 13.37 13.86 16.03
N ASP A 313 13.03 14.31 14.83
N ASP A 313 12.99 14.33 14.85
CA ASP A 313 12.58 13.38 13.81
CA ASP A 313 12.62 13.47 13.74
C ASP A 313 13.80 12.76 13.17
C ASP A 313 13.89 12.78 13.24
N THR A 314 13.95 11.46 13.40
CA THR A 314 15.13 10.69 13.01
C THR A 314 14.90 9.85 11.73
N ASN A 315 13.84 10.18 11.00
CA ASN A 315 13.48 9.47 9.77
C ASN A 315 14.15 10.06 8.52
N LEU A 316 14.16 9.26 7.47
CA LEU A 316 14.51 9.68 6.12
C LEU A 316 13.20 9.71 5.30
N TYR A 317 12.99 10.80 4.56
CA TYR A 317 11.80 10.97 3.72
C TYR A 317 12.21 10.87 2.27
N VAL A 318 11.45 10.11 1.46
CA VAL A 318 11.83 9.83 0.08
C VAL A 318 10.66 10.06 -0.87
N ALA A 319 10.92 10.80 -1.95
CA ALA A 319 9.90 11.06 -2.99
C ALA A 319 10.04 9.98 -4.07
N LEU A 320 8.98 9.19 -4.23
CA LEU A 320 8.94 8.11 -5.22
C LEU A 320 8.06 8.54 -6.40
N HIS A 321 8.71 8.77 -7.52
CA HIS A 321 8.03 9.31 -8.69
C HIS A 321 7.02 8.35 -9.31
N GLY A 322 7.20 7.06 -9.05
CA GLY A 322 6.34 6.05 -9.66
C GLY A 322 6.92 5.44 -10.92
N SER A 323 6.51 4.19 -11.15
CA SER A 323 7.06 3.36 -12.21
C SER A 323 6.46 3.63 -13.58
N TRP A 324 7.25 3.32 -14.61
CA TRP A 324 6.64 2.98 -15.92
C TRP A 324 6.87 1.50 -16.28
N ASN A 325 7.89 0.88 -15.70
CA ASN A 325 8.31 -0.45 -16.13
C ASN A 325 7.83 -1.53 -15.18
N ARG A 326 6.56 -1.45 -14.78
CA ARG A 326 5.96 -2.48 -13.94
C ARG A 326 4.46 -2.52 -14.15
N GLN A 327 3.94 -3.74 -14.21
CA GLN A 327 2.50 -3.96 -14.21
C GLN A 327 2.13 -4.83 -13.01
N PRO A 328 1.32 -4.33 -12.07
CA PRO A 328 0.78 -2.96 -12.05
C PRO A 328 1.81 -1.93 -11.58
N PRO A 329 1.53 -0.64 -11.81
CA PRO A 329 2.47 0.39 -11.39
C PRO A 329 2.58 0.49 -9.88
N GLN A 330 3.69 1.02 -9.41
CA GLN A 330 3.85 1.27 -7.97
C GLN A 330 4.77 2.47 -7.75
N GLY A 331 4.67 3.03 -6.55
CA GLY A 331 5.36 4.27 -6.18
C GLY A 331 4.35 5.39 -6.06
N TYR A 332 4.64 6.54 -6.67
CA TYR A 332 3.68 7.68 -6.73
C TYR A 332 3.34 8.13 -5.31
N LYS A 333 4.37 8.35 -4.50
N LYS A 333 4.35 8.36 -4.49
CA LYS A 333 4.17 8.57 -3.07
CA LYS A 333 4.11 8.66 -3.09
C LYS A 333 5.40 9.21 -2.43
C LYS A 333 5.37 9.14 -2.40
N VAL A 334 5.21 9.69 -1.20
CA VAL A 334 6.32 10.00 -0.31
C VAL A 334 6.31 8.94 0.80
N VAL A 335 7.47 8.37 1.07
CA VAL A 335 7.62 7.35 2.13
C VAL A 335 8.60 7.82 3.19
N VAL A 336 8.53 7.12 4.33
N VAL A 336 8.53 7.15 4.34
CA VAL A 336 9.32 7.36 5.52
CA VAL A 336 9.40 7.43 5.47
C VAL A 336 10.16 6.10 5.77
C VAL A 336 10.13 6.16 5.90
N VAL A 337 11.44 6.29 6.09
CA VAL A 337 12.33 5.18 6.49
C VAL A 337 12.90 5.50 7.89
N PRO A 338 12.58 4.67 8.91
CA PRO A 338 13.08 4.93 10.26
C PRO A 338 14.58 4.74 10.38
N GLY A 339 15.18 5.58 11.21
CA GLY A 339 16.61 5.50 11.45
C GLY A 339 16.98 6.09 12.79
N GLN A 340 18.30 6.25 12.96
CA GLN A 340 18.87 6.82 14.17
C GLN A 340 20.20 7.49 13.85
N TYR A 341 20.59 8.37 14.77
CA TYR A 341 21.85 9.10 14.68
C TYR A 341 22.83 8.65 15.74
N SER A 342 24.09 8.57 15.33
CA SER A 342 25.18 8.45 16.28
C SER A 342 25.38 9.79 17.01
N ALA A 343 26.23 9.76 18.03
CA ALA A 343 26.61 10.97 18.77
C ALA A 343 27.18 12.08 17.87
N SER A 344 27.85 11.68 16.78
CA SER A 344 28.43 12.61 15.82
C SER A 344 27.47 13.04 14.70
N GLY A 345 26.26 12.47 14.68
CA GLY A 345 25.24 12.85 13.69
C GLY A 345 25.23 12.01 12.43
N GLU A 346 25.89 10.86 12.46
CA GLU A 346 25.84 9.90 11.34
C GLU A 346 24.50 9.18 11.38
N TRP A 347 23.78 9.20 10.25
CA TRP A 347 22.50 8.49 10.17
C TRP A 347 22.68 7.08 9.66
N SER A 348 21.90 6.17 10.25
CA SER A 348 21.78 4.81 9.74
C SER A 348 20.33 4.36 9.86
N PRO A 349 19.88 3.48 8.94
CA PRO A 349 18.53 2.95 9.06
C PRO A 349 18.40 2.01 10.27
N THR A 350 17.20 1.92 10.81
CA THR A 350 16.96 1.02 11.94
C THR A 350 17.00 -0.44 11.50
N ALA A 351 16.42 -0.75 10.34
CA ALA A 351 16.38 -2.13 9.85
C ALA A 351 17.72 -2.56 9.26
N PRO A 352 18.15 -3.80 9.54
CA PRO A 352 19.22 -4.37 8.74
C PRO A 352 18.84 -4.40 7.27
N LEU A 353 19.83 -4.29 6.39
CA LEU A 353 19.59 -4.27 4.95
C LEU A 353 18.64 -5.39 4.50
N ALA A 354 18.90 -6.61 4.95
CA ALA A 354 18.13 -7.76 4.50
C ALA A 354 16.67 -7.76 4.96
N GLN A 355 16.34 -6.96 5.98
CA GLN A 355 14.98 -6.79 6.48
C GLN A 355 14.35 -5.48 6.06
N SER A 356 15.02 -4.75 5.17
CA SER A 356 14.58 -3.39 4.87
C SER A 356 13.40 -3.32 3.90
N ARG A 357 13.03 -4.43 3.26
CA ARG A 357 11.90 -4.44 2.32
C ARG A 357 10.60 -3.97 2.93
N THR A 358 10.42 -4.16 4.24
CA THR A 358 9.17 -3.86 4.91
C THR A 358 9.30 -2.65 5.85
N ALA A 359 10.47 -2.03 5.88
CA ALA A 359 10.78 -1.06 6.93
C ALA A 359 10.23 0.35 6.68
N TRP A 360 10.00 0.66 5.41
CA TRP A 360 9.47 1.96 5.00
C TRP A 360 7.95 1.99 5.24
N SER A 361 7.37 3.19 5.25
CA SER A 361 5.91 3.32 5.28
C SER A 361 5.45 4.57 4.55
N ASP A 362 4.19 4.56 4.14
CA ASP A 362 3.62 5.66 3.39
C ASP A 362 3.41 6.91 4.23
N LEU A 363 3.80 8.06 3.68
CA LEU A 363 3.44 9.36 4.23
C LEU A 363 2.33 10.03 3.41
N LEU A 364 2.52 10.10 2.10
CA LEU A 364 1.61 10.81 1.21
C LEU A 364 1.38 9.95 0.00
N THR A 365 0.12 9.62 -0.28
CA THR A 365 -0.19 8.67 -1.35
C THR A 365 -1.32 9.16 -2.25
N ASN A 366 -1.34 8.57 -3.44
CA ASN A 366 -2.48 8.64 -4.34
C ASN A 366 -3.57 7.68 -3.84
N ARG A 367 -4.73 7.70 -4.49
CA ARG A 367 -5.83 6.79 -4.11
C ARG A 367 -5.35 5.33 -4.08
N ASN A 368 -4.65 4.91 -5.13
CA ASN A 368 -4.09 3.56 -5.23
C ASN A 368 -2.98 3.62 -6.25
N GLU A 369 -1.74 3.43 -5.82
CA GLU A 369 -0.59 3.48 -6.74
CA GLU A 369 -0.57 3.45 -6.72
C GLU A 369 -0.73 2.52 -7.93
N ASN A 370 -1.43 1.39 -7.72
CA ASN A 370 -1.59 0.39 -8.76
C ASN A 370 -2.54 0.84 -9.86
N GLN A 371 -3.25 1.94 -9.63
CA GLN A 371 -4.18 2.52 -10.61
C GLN A 371 -3.54 3.63 -11.44
N CYS A 372 -2.26 3.95 -11.21
CA CYS A 372 -1.58 5.08 -11.87
C CYS A 372 -0.91 4.69 -13.21
N SER A 373 -1.69 4.46 -14.26
CA SER A 373 -1.16 4.13 -15.61
C SER A 373 -0.80 5.34 -16.48
N GLY A 374 -1.45 6.47 -16.24
CA GLY A 374 -1.22 7.69 -17.02
C GLY A 374 -2.00 7.79 -18.33
N PHE A 375 -2.82 6.79 -18.62
CA PHE A 375 -3.76 6.79 -19.75
C PHE A 375 -5.15 7.16 -19.23
N GLY A 376 -5.92 7.87 -20.04
CA GLY A 376 -7.31 8.17 -19.69
C GLY A 376 -7.43 9.00 -18.43
N ASN A 377 -8.29 8.55 -17.53
CA ASN A 377 -8.52 9.27 -16.27
C ASN A 377 -7.66 8.75 -15.10
N ALA A 378 -6.73 7.85 -15.38
N ALA A 378 -6.81 7.78 -15.42
CA ALA A 378 -5.96 7.17 -14.32
CA ALA A 378 -5.99 7.04 -14.44
C ALA A 378 -4.90 8.03 -13.60
C ALA A 378 -4.66 7.75 -14.19
N ASN A 379 -4.79 9.31 -13.94
N ASN A 379 -4.76 8.97 -13.69
CA ASN A 379 -3.63 10.10 -13.55
CA ASN A 379 -3.60 9.82 -13.51
C ASN A 379 -3.41 10.32 -12.05
C ASN A 379 -3.36 10.05 -12.03
N CYS A 380 -2.13 10.44 -11.70
CA CYS A 380 -1.68 10.56 -10.30
C CYS A 380 -0.70 11.70 -10.14
N PHE A 381 -0.57 12.23 -8.93
CA PHE A 381 0.58 13.10 -8.65
C PHE A 381 1.85 12.23 -8.57
N ARG A 382 2.97 12.82 -8.98
CA ARG A 382 4.23 12.10 -9.15
C ARG A 382 5.32 12.86 -8.41
N PRO A 383 5.61 12.51 -7.14
CA PRO A 383 6.59 13.27 -6.36
C PRO A 383 7.98 13.29 -6.98
N VAL A 384 8.59 14.48 -6.91
CA VAL A 384 9.96 14.69 -7.41
C VAL A 384 10.87 15.22 -6.31
N GLY A 385 10.58 16.41 -5.82
CA GLY A 385 11.47 17.12 -4.90
C GLY A 385 10.85 17.29 -3.53
N LEU A 386 11.72 17.34 -2.53
CA LEU A 386 11.33 17.52 -1.11
C LEU A 386 12.18 18.60 -0.47
N VAL A 387 11.58 19.36 0.45
CA VAL A 387 12.37 20.22 1.35
C VAL A 387 11.60 20.46 2.63
N TRP A 388 12.27 20.33 3.77
CA TRP A 388 11.70 20.68 5.07
C TRP A 388 11.94 22.15 5.38
N SER A 389 10.93 22.81 5.96
CA SER A 389 11.12 24.10 6.60
C SER A 389 12.12 23.99 7.75
N ALA A 390 12.78 25.11 8.07
CA ALA A 390 13.83 25.12 9.09
C ALA A 390 13.33 24.69 10.46
N ASP A 391 12.06 24.94 10.77
CA ASP A 391 11.48 24.50 12.06
C ASP A 391 11.05 23.03 12.08
N GLY A 392 11.22 22.34 10.95
CA GLY A 392 10.84 20.92 10.81
C GLY A 392 9.36 20.63 10.82
N GLN A 393 8.52 21.65 10.61
CA GLN A 393 7.07 21.48 10.71
C GLN A 393 6.35 21.29 9.37
N ASN A 394 7.00 21.71 8.28
CA ASN A 394 6.41 21.69 6.95
C ASN A 394 7.34 20.99 5.98
N LEU A 395 6.80 20.03 5.24
CA LEU A 395 7.55 19.35 4.19
C LEU A 395 6.91 19.68 2.85
N TYR A 396 7.67 20.31 1.97
CA TYR A 396 7.19 20.63 0.62
C TYR A 396 7.53 19.52 -0.35
N VAL A 397 6.62 19.27 -1.31
CA VAL A 397 6.74 18.17 -2.25
C VAL A 397 6.35 18.68 -3.64
N SER A 398 7.22 18.56 -4.63
CA SER A 398 6.85 18.90 -6.00
C SER A 398 6.34 17.67 -6.75
N SER A 399 5.46 17.90 -7.73
CA SER A 399 4.98 16.88 -8.65
C SER A 399 5.08 17.44 -10.05
N ASP A 400 6.03 16.93 -10.84
CA ASP A 400 6.32 17.55 -12.13
C ASP A 400 5.19 17.45 -13.14
N THR A 401 4.71 16.23 -13.35
CA THR A 401 3.74 15.97 -14.40
C THR A 401 2.37 16.57 -14.08
N SER A 402 2.06 16.81 -12.81
CA SER A 402 0.79 17.44 -12.46
C SER A 402 0.90 18.95 -12.27
N GLY A 403 2.13 19.48 -12.31
CA GLY A 403 2.35 20.93 -12.20
C GLY A 403 2.09 21.51 -10.82
N GLU A 404 2.32 20.70 -9.77
CA GLU A 404 1.94 21.09 -8.41
C GLU A 404 3.10 21.08 -7.43
N VAL A 405 3.01 21.93 -6.41
CA VAL A 405 3.80 21.79 -5.20
C VAL A 405 2.83 21.75 -4.03
N PHE A 406 3.07 20.83 -3.11
CA PHE A 406 2.23 20.63 -1.92
C PHE A 406 2.99 20.95 -0.67
N ILE A 407 2.25 21.27 0.38
CA ILE A 407 2.81 21.35 1.73
C ILE A 407 2.19 20.24 2.57
N ILE A 408 3.06 19.51 3.27
CA ILE A 408 2.65 18.54 4.29
C ILE A 408 2.96 19.18 5.64
N LYS A 409 1.95 19.32 6.48
CA LYS A 409 2.13 20.02 7.75
C LYS A 409 1.91 19.08 8.92
N ARG A 410 2.83 19.16 9.88
CA ARG A 410 2.61 18.60 11.22
C ARG A 410 1.60 19.46 11.97
N PHE B 2 -15.21 17.10 14.14
CA PHE B 2 -14.98 15.87 14.95
C PHE B 2 -13.49 15.50 14.99
N VAL B 3 -13.00 15.22 16.19
CA VAL B 3 -11.64 14.69 16.37
C VAL B 3 -11.71 13.32 17.07
N SER B 4 -12.36 13.27 18.23
CA SER B 4 -12.40 12.04 19.05
C SER B 4 -13.68 11.93 19.87
N CYS B 5 -13.84 10.78 20.53
CA CYS B 5 -15.01 10.51 21.37
C CYS B 5 -14.68 10.69 22.85
N PRO B 6 -15.63 11.27 23.63
CA PRO B 6 -15.38 11.53 25.06
C PRO B 6 -15.11 10.25 25.85
N GLY B 7 -14.00 10.25 26.58
CA GLY B 7 -13.61 9.12 27.41
C GLY B 7 -13.10 7.90 26.66
N ALA B 8 -13.03 7.98 25.32
CA ALA B 8 -12.52 6.88 24.50
C ALA B 8 -11.00 6.77 24.59
N PRO B 9 -10.46 5.54 24.47
CA PRO B 9 -9.00 5.40 24.52
C PRO B 9 -8.33 5.88 23.24
N GLN B 10 -7.03 6.13 23.33
CA GLN B 10 -6.18 6.34 22.15
C GLN B 10 -6.12 5.04 21.34
N PRO B 11 -5.99 5.15 20.00
CA PRO B 11 -5.81 3.90 19.22
C PRO B 11 -4.53 3.19 19.62
N ARG B 12 -4.57 1.86 19.62
CA ARG B 12 -3.39 1.08 19.98
C ARG B 12 -2.27 1.17 18.94
N TYR B 13 -2.66 1.34 17.67
CA TYR B 13 -1.73 1.40 16.56
C TYR B 13 -2.00 2.62 15.68
N GLN B 14 -1.02 3.00 14.87
CA GLN B 14 -1.19 4.06 13.87
C GLN B 14 -2.33 3.69 12.93
N MET B 15 -3.24 4.64 12.69
CA MET B 15 -4.38 4.40 11.82
C MET B 15 -4.51 5.54 10.82
N ASN B 16 -4.47 5.20 9.52
CA ASN B 16 -4.62 6.19 8.45
C ASN B 16 -5.93 5.97 7.76
N VAL B 17 -6.62 7.07 7.45
CA VAL B 17 -7.90 6.99 6.76
C VAL B 17 -7.88 7.88 5.53
N ALA B 18 -8.58 7.46 4.47
CA ALA B 18 -8.58 8.17 3.20
C ALA B 18 -9.10 9.60 3.36
N ASN B 19 -8.61 10.47 2.48
CA ASN B 19 -9.05 11.86 2.39
C ASN B 19 -10.57 11.97 2.37
N GLY B 20 -11.09 12.87 3.20
CA GLY B 20 -12.53 13.08 3.33
C GLY B 20 -13.19 12.38 4.50
N PHE B 21 -12.43 11.50 5.17
CA PHE B 21 -12.92 10.75 6.34
C PHE B 21 -12.08 11.07 7.58
N ARG B 22 -12.65 10.75 8.74
CA ARG B 22 -11.93 10.79 10.01
C ARG B 22 -12.14 9.44 10.71
N VAL B 23 -11.19 9.01 11.54
CA VAL B 23 -11.33 7.76 12.26
C VAL B 23 -10.96 7.99 13.74
N ALA B 24 -11.66 7.32 14.64
CA ALA B 24 -11.33 7.36 16.06
C ALA B 24 -11.82 6.09 16.74
N PRO B 25 -11.16 5.66 17.83
CA PRO B 25 -11.75 4.56 18.61
C PRO B 25 -13.05 4.97 19.30
N VAL B 26 -14.04 4.08 19.32
CA VAL B 26 -15.20 4.26 20.19
C VAL B 26 -15.12 3.37 21.43
N LEU B 27 -14.43 2.23 21.30
CA LEU B 27 -14.29 1.28 22.41
C LEU B 27 -12.90 0.66 22.37
N GLY B 28 -12.33 0.43 23.55
CA GLY B 28 -11.09 -0.30 23.71
C GLY B 28 -11.20 -1.21 24.92
N GLY B 29 -10.21 -2.10 25.08
CA GLY B 29 -10.19 -3.06 26.19
C GLY B 29 -11.25 -4.15 26.12
N LEU B 30 -11.79 -4.36 24.91
CA LEU B 30 -12.81 -5.39 24.68
C LEU B 30 -12.19 -6.76 24.56
N THR B 31 -13.01 -7.79 24.76
CA THR B 31 -12.55 -9.16 24.63
C THR B 31 -12.89 -9.67 23.22
N MET B 32 -11.86 -9.78 22.38
CA MET B 32 -12.02 -10.36 21.04
C MET B 32 -13.32 -9.94 20.31
N PRO B 33 -13.52 -8.62 20.08
CA PRO B 33 -14.73 -8.19 19.38
C PRO B 33 -14.76 -8.67 17.92
N ARG B 34 -15.86 -9.30 17.54
CA ARG B 34 -15.96 -9.94 16.24
C ARG B 34 -17.10 -9.28 15.46
N GLY B 35 -18.24 -9.98 15.27
CA GLY B 35 -19.38 -9.39 14.56
C GLY B 35 -19.93 -8.18 15.30
N ILE B 36 -20.30 -7.16 14.54
CA ILE B 36 -20.93 -5.96 15.07
C ILE B 36 -22.14 -5.58 14.24
N THR B 37 -23.16 -5.04 14.90
CA THR B 37 -24.31 -4.53 14.18
C THR B 37 -24.91 -3.37 14.95
N LEU B 38 -25.93 -2.76 14.36
CA LEU B 38 -26.70 -1.71 15.02
C LEU B 38 -28.14 -2.16 15.09
N ASP B 39 -28.77 -1.95 16.24
CA ASP B 39 -30.17 -2.32 16.39
C ASP B 39 -31.07 -1.23 15.78
N THR B 40 -32.39 -1.39 15.90
CA THR B 40 -33.32 -0.46 15.25
C THR B 40 -33.40 0.94 15.91
N ARG B 41 -32.87 1.05 17.12
N ARG B 41 -32.86 1.06 17.12
CA ARG B 41 -32.70 2.33 17.79
CA ARG B 41 -32.71 2.36 17.77
C ARG B 41 -31.29 2.87 17.67
C ARG B 41 -31.37 3.02 17.45
N GLY B 42 -30.49 2.26 16.78
CA GLY B 42 -29.13 2.71 16.48
C GLY B 42 -28.06 2.36 17.50
N ASN B 43 -28.40 1.55 18.51
CA ASN B 43 -27.43 1.07 19.52
C ASN B 43 -26.46 0.10 18.88
N LEU B 44 -25.22 0.10 19.35
CA LEU B 44 -24.18 -0.80 18.84
C LEU B 44 -24.18 -2.12 19.61
N LEU B 45 -24.21 -3.24 18.87
CA LEU B 45 -24.10 -4.57 19.46
C LEU B 45 -22.81 -5.21 18.99
N VAL B 46 -22.05 -5.78 19.93
CA VAL B 46 -20.72 -6.33 19.65
C VAL B 46 -20.62 -7.74 20.22
N VAL B 47 -20.26 -8.72 19.39
CA VAL B 47 -19.93 -10.07 19.90
C VAL B 47 -18.51 -10.01 20.44
N GLU B 48 -18.37 -10.16 21.75
CA GLU B 48 -17.06 -10.22 22.39
C GLU B 48 -16.77 -11.68 22.69
N ARG B 49 -15.96 -12.29 21.81
CA ARG B 49 -15.74 -13.74 21.85
C ARG B 49 -15.10 -14.17 23.16
N GLY B 50 -15.84 -15.00 23.90
CA GLY B 50 -15.44 -15.45 25.24
C GLY B 50 -16.15 -14.74 26.38
N ARG B 51 -16.87 -13.66 26.06
N ARG B 51 -16.94 -13.72 26.06
CA ARG B 51 -17.67 -12.90 27.04
CA ARG B 51 -17.63 -12.88 27.05
C ARG B 51 -19.15 -13.02 26.74
C ARG B 51 -19.14 -12.81 26.79
N GLY B 52 -19.52 -12.64 25.51
CA GLY B 52 -20.91 -12.60 25.11
C GLY B 52 -21.20 -11.45 24.18
N LEU B 53 -22.45 -11.01 24.17
CA LEU B 53 -22.87 -9.88 23.36
C LEU B 53 -22.99 -8.66 24.23
N THR B 54 -22.30 -7.59 23.85
CA THR B 54 -22.36 -6.33 24.57
C THR B 54 -23.12 -5.28 23.78
N GLY B 55 -23.81 -4.38 24.49
CA GLY B 55 -24.63 -3.34 23.89
C GLY B 55 -24.16 -1.98 24.35
N HIS B 56 -24.25 -1.01 23.46
CA HIS B 56 -23.64 0.31 23.67
C HIS B 56 -24.54 1.39 23.11
N THR B 57 -25.00 2.30 23.97
CA THR B 57 -25.79 3.44 23.53
C THR B 57 -24.87 4.48 22.93
N LEU B 58 -25.39 5.22 21.96
CA LEU B 58 -24.60 6.16 21.19
C LEU B 58 -25.16 7.58 21.24
N ASP B 59 -24.26 8.57 21.20
CA ASP B 59 -24.64 9.98 21.14
C ASP B 59 -24.83 10.43 19.68
N ALA B 60 -25.08 11.72 19.49
CA ALA B 60 -25.34 12.29 18.16
C ALA B 60 -24.15 12.20 17.20
N ASN B 61 -22.94 12.09 17.74
CA ASN B 61 -21.72 11.93 16.93
C ASN B 61 -21.35 10.46 16.69
N GLY B 62 -22.12 9.55 17.27
CA GLY B 62 -21.88 8.11 17.13
C GLY B 62 -20.95 7.53 18.18
N CYS B 63 -20.67 8.33 19.22
CA CYS B 63 -19.79 7.92 20.32
C CYS B 63 -20.56 7.18 21.40
N VAL B 64 -19.89 6.25 22.09
CA VAL B 64 -20.51 5.44 23.14
C VAL B 64 -20.76 6.26 24.41
N THR B 65 -21.98 6.18 24.93
CA THR B 65 -22.38 6.89 26.17
C THR B 65 -22.62 5.95 27.35
N SER B 66 -22.89 4.67 27.06
CA SER B 66 -23.02 3.63 28.09
C SER B 66 -22.83 2.26 27.48
N SER B 67 -22.50 1.27 28.32
CA SER B 67 -22.25 -0.10 27.90
C SER B 67 -22.86 -1.09 28.89
N LYS B 68 -23.33 -2.23 28.38
CA LYS B 68 -23.84 -3.32 29.21
C LYS B 68 -23.65 -4.66 28.51
N VAL B 69 -23.74 -5.75 29.29
CA VAL B 69 -23.79 -7.11 28.74
C VAL B 69 -25.25 -7.41 28.38
N VAL B 70 -25.48 -7.70 27.10
CA VAL B 70 -26.80 -8.08 26.59
C VAL B 70 -27.01 -9.60 26.70
N ILE B 71 -26.00 -10.37 26.27
CA ILE B 71 -26.02 -11.82 26.45
C ILE B 71 -24.72 -12.24 27.13
N GLN B 72 -24.83 -12.83 28.32
CA GLN B 72 -23.70 -13.41 29.01
C GLN B 72 -23.54 -14.84 28.51
N ASP B 73 -22.52 -15.06 27.69
CA ASP B 73 -22.34 -16.37 27.04
C ASP B 73 -20.92 -16.48 26.52
N THR B 74 -20.25 -17.55 26.91
CA THR B 74 -18.84 -17.74 26.58
C THR B 74 -18.64 -18.47 25.25
N GLN B 75 -19.73 -18.89 24.62
CA GLN B 75 -19.66 -19.74 23.42
C GLN B 75 -19.97 -19.02 22.10
N ILE B 76 -20.80 -17.98 22.14
CA ILE B 76 -21.05 -17.24 20.90
C ILE B 76 -19.75 -16.60 20.43
N ASN B 77 -19.40 -16.78 19.16
CA ASN B 77 -18.01 -16.53 18.76
C ASN B 77 -17.78 -15.65 17.54
N HIS B 78 -18.86 -15.21 16.90
CA HIS B 78 -18.72 -14.32 15.74
C HIS B 78 -20.03 -13.71 15.25
N GLY B 79 -20.96 -14.58 14.85
CA GLY B 79 -22.15 -14.14 14.12
C GLY B 79 -23.21 -13.48 14.98
N ILE B 80 -23.86 -12.48 14.42
CA ILE B 80 -24.92 -11.71 15.09
C ILE B 80 -25.75 -11.00 14.02
N ASP B 81 -27.07 -11.04 14.18
CA ASP B 81 -27.92 -10.16 13.39
C ASP B 81 -29.18 -9.80 14.16
N VAL B 82 -29.75 -8.66 13.79
CA VAL B 82 -31.00 -8.16 14.37
C VAL B 82 -32.07 -8.29 13.31
N HIS B 83 -33.20 -8.90 13.68
CA HIS B 83 -34.36 -9.00 12.79
C HIS B 83 -34.85 -7.59 12.37
N PRO B 84 -35.33 -7.41 11.12
CA PRO B 84 -35.88 -6.11 10.69
C PRO B 84 -36.93 -5.49 11.65
N SER B 85 -37.70 -6.33 12.33
CA SER B 85 -38.69 -5.88 13.33
C SER B 85 -38.04 -5.19 14.52
N GLY B 86 -36.77 -5.51 14.76
CA GLY B 86 -36.02 -4.99 15.90
C GLY B 86 -36.23 -5.76 17.19
N ARG B 87 -37.08 -6.78 17.15
CA ARG B 87 -37.54 -7.47 18.36
C ARG B 87 -37.01 -8.89 18.53
N ARG B 88 -36.07 -9.27 17.68
CA ARG B 88 -35.41 -10.56 17.73
C ARG B 88 -33.97 -10.40 17.27
N ILE B 89 -33.09 -11.14 17.93
CA ILE B 89 -31.69 -11.24 17.52
C ILE B 89 -31.31 -12.71 17.34
N ILE B 90 -30.37 -13.00 16.45
CA ILE B 90 -29.82 -14.34 16.27
C ILE B 90 -28.30 -14.26 16.44
N ALA B 91 -27.75 -15.18 17.23
CA ALA B 91 -26.29 -15.30 17.38
C ALA B 91 -25.90 -16.76 17.50
N SER B 92 -24.64 -17.05 17.20
CA SER B 92 -24.21 -18.43 17.09
C SER B 92 -22.87 -18.73 17.77
N SER B 93 -22.75 -19.95 18.26
CA SER B 93 -21.46 -20.56 18.57
C SER B 93 -21.00 -21.30 17.32
N GLY B 94 -19.92 -22.07 17.44
CA GLY B 94 -19.48 -22.94 16.35
C GLY B 94 -20.46 -24.07 16.06
N ASP B 95 -21.30 -24.38 17.05
CA ASP B 95 -22.19 -25.54 16.99
C ASP B 95 -23.66 -25.21 16.78
N ILE B 96 -24.11 -24.09 17.34
CA ILE B 96 -25.55 -23.81 17.45
C ILE B 96 -25.86 -22.35 17.11
N ALA B 97 -26.97 -22.13 16.40
CA ALA B 97 -27.57 -20.80 16.29
C ALA B 97 -28.80 -20.72 17.18
N TRP B 98 -28.87 -19.66 17.98
CA TRP B 98 -30.01 -19.37 18.84
C TRP B 98 -30.66 -18.05 18.47
N SER B 99 -31.94 -17.90 18.79
CA SER B 99 -32.58 -16.60 18.80
C SER B 99 -32.91 -16.16 20.22
N TRP B 100 -33.03 -14.85 20.40
CA TRP B 100 -33.53 -14.27 21.65
C TRP B 100 -34.54 -13.22 21.27
N ASP B 101 -35.60 -13.10 22.08
CA ASP B 101 -36.41 -11.89 22.08
C ASP B 101 -35.53 -10.72 22.52
N TYR B 102 -35.75 -9.56 21.89
CA TYR B 102 -34.88 -8.42 22.10
C TYR B 102 -35.69 -7.14 22.21
N ASP B 103 -35.36 -6.34 23.23
CA ASP B 103 -35.99 -5.03 23.40
C ASP B 103 -34.91 -3.96 23.24
N PRO B 104 -34.97 -3.18 22.13
CA PRO B 104 -33.93 -2.15 21.90
C PRO B 104 -34.01 -0.97 22.86
N ALA B 105 -35.17 -0.76 23.49
CA ALA B 105 -35.33 0.32 24.47
C ALA B 105 -34.42 0.15 25.69
N THR B 106 -34.17 -1.10 26.08
CA THR B 106 -33.36 -1.45 27.25
C THR B 106 -32.13 -2.29 26.90
N MET B 107 -31.98 -2.62 25.60
CA MET B 107 -30.96 -3.57 25.11
C MET B 107 -30.96 -4.86 25.93
N THR B 108 -32.14 -5.50 26.01
CA THR B 108 -32.32 -6.69 26.83
C THR B 108 -32.74 -7.88 25.98
N ALA B 109 -32.01 -8.99 26.15
CA ALA B 109 -32.27 -10.24 25.46
C ALA B 109 -32.84 -11.26 26.42
N THR B 110 -33.92 -11.92 26.00
CA THR B 110 -34.64 -12.89 26.81
C THR B 110 -35.10 -14.06 25.95
N ASN B 111 -35.54 -15.14 26.59
CA ASN B 111 -36.24 -16.25 25.92
C ASN B 111 -35.42 -16.87 24.80
N ARG B 112 -34.22 -17.35 25.15
CA ARG B 112 -33.37 -18.06 24.19
C ARG B 112 -34.09 -19.27 23.59
N ARG B 113 -33.95 -19.43 22.27
CA ARG B 113 -34.52 -20.55 21.54
C ARG B 113 -33.42 -21.14 20.64
N THR B 114 -33.26 -22.46 20.69
CA THR B 114 -32.36 -23.17 19.80
C THR B 114 -32.96 -23.29 18.40
N LEU B 115 -32.23 -22.81 17.40
CA LEU B 115 -32.69 -22.84 16.00
C LEU B 115 -32.05 -23.94 15.17
N VAL B 116 -30.71 -23.95 15.12
CA VAL B 116 -29.96 -24.83 14.22
C VAL B 116 -28.80 -25.42 15.00
N THR B 117 -28.60 -26.73 14.86
CA THR B 117 -27.63 -27.47 15.69
C THR B 117 -26.65 -28.29 14.84
N GLY B 118 -25.63 -28.83 15.51
CA GLY B 118 -24.74 -29.83 14.94
C GLY B 118 -23.69 -29.28 13.99
N MET B 119 -23.41 -27.99 14.10
CA MET B 119 -22.50 -27.33 13.13
C MET B 119 -21.02 -27.38 13.47
N ASN B 120 -20.65 -27.87 14.65
CA ASN B 120 -19.28 -27.68 15.11
C ASN B 120 -18.21 -28.39 14.28
N ASN B 121 -17.14 -27.65 13.98
CA ASN B 121 -15.84 -28.24 13.66
C ASN B 121 -14.78 -27.32 14.25
N PHE B 122 -13.56 -27.82 14.47
N PHE B 122 -13.57 -27.86 14.42
CA PHE B 122 -12.57 -27.00 15.15
CA PHE B 122 -12.47 -27.17 15.11
C PHE B 122 -11.59 -26.33 14.20
C PHE B 122 -11.67 -26.23 14.20
N TYR B 123 -11.83 -26.45 12.91
N TYR B 123 -11.77 -26.44 12.88
CA TYR B 123 -10.97 -25.79 11.94
CA TYR B 123 -10.91 -25.75 11.93
C TYR B 123 -11.50 -24.39 11.62
C TYR B 123 -11.44 -24.39 11.47
N HIS B 124 -12.70 -24.34 11.03
CA HIS B 124 -13.40 -23.09 10.72
C HIS B 124 -14.66 -23.14 11.54
N PHE B 125 -14.75 -22.27 12.54
CA PHE B 125 -15.76 -22.40 13.59
C PHE B 125 -16.65 -21.19 13.77
N THR B 126 -16.55 -20.21 12.88
CA THR B 126 -17.50 -19.11 12.90
C THR B 126 -18.75 -19.50 12.12
N ARG B 127 -19.89 -19.00 12.58
CA ARG B 127 -21.17 -19.37 11.97
C ARG B 127 -21.95 -18.08 11.69
N THR B 128 -21.49 -17.38 10.65
CA THR B 128 -22.08 -16.11 10.29
C THR B 128 -23.57 -16.26 10.04
N VAL B 129 -24.31 -15.26 10.58
N VAL B 129 -24.34 -15.32 10.59
CA VAL B 129 -25.75 -15.13 10.53
CA VAL B 129 -25.78 -15.29 10.38
C VAL B 129 -26.10 -13.94 9.63
C VAL B 129 -26.20 -13.99 9.73
N HIS B 130 -27.05 -14.13 8.72
CA HIS B 130 -27.63 -13.01 8.01
C HIS B 130 -29.13 -13.23 7.85
N ILE B 131 -29.92 -12.34 8.43
CA ILE B 131 -31.37 -12.36 8.25
C ILE B 131 -31.70 -11.63 6.95
N SER B 132 -32.48 -12.25 6.06
CA SER B 132 -32.90 -11.59 4.84
C SER B 132 -33.79 -10.39 5.13
N ARG B 133 -33.40 -9.22 4.62
N ARG B 133 -33.42 -9.22 4.58
CA ARG B 133 -34.26 -8.04 4.74
CA ARG B 133 -34.23 -8.01 4.72
C ARG B 133 -35.48 -8.15 3.83
C ARG B 133 -35.40 -7.97 3.71
N LYS B 134 -35.30 -8.74 2.64
CA LYS B 134 -36.41 -8.87 1.66
C LYS B 134 -37.44 -9.89 2.14
N TYR B 135 -36.97 -10.95 2.80
CA TYR B 135 -37.79 -12.04 3.29
C TYR B 135 -37.44 -12.26 4.78
N PRO B 136 -38.03 -11.45 5.69
CA PRO B 136 -37.52 -11.44 7.08
C PRO B 136 -37.63 -12.74 7.88
N ASN B 137 -38.44 -13.69 7.42
CA ASN B 137 -38.51 -15.01 8.05
C ASN B 137 -37.33 -15.93 7.69
N LEU B 138 -36.61 -15.59 6.63
CA LEU B 138 -35.47 -16.38 6.18
C LEU B 138 -34.17 -15.87 6.77
N PHE B 139 -33.30 -16.81 7.14
CA PHE B 139 -31.94 -16.44 7.56
C PHE B 139 -30.92 -17.42 7.03
N ALA B 140 -29.72 -16.90 6.74
CA ALA B 140 -28.60 -17.70 6.23
C ALA B 140 -27.59 -17.95 7.33
N LEU B 141 -26.99 -19.15 7.30
CA LEU B 141 -25.88 -19.53 8.16
C LEU B 141 -24.75 -20.09 7.33
N ASN B 142 -23.53 -19.65 7.63
CA ASN B 142 -22.33 -20.22 7.06
C ASN B 142 -21.71 -21.30 7.93
N VAL B 143 -21.25 -22.38 7.30
CA VAL B 143 -20.38 -23.37 7.96
C VAL B 143 -19.15 -23.57 7.07
N GLY B 144 -17.98 -23.14 7.56
CA GLY B 144 -16.74 -23.31 6.83
C GLY B 144 -16.23 -24.76 6.86
N SER B 145 -15.25 -25.03 6.01
CA SER B 145 -14.66 -26.37 5.86
C SER B 145 -13.99 -26.84 7.14
N ASP B 146 -13.96 -28.16 7.33
CA ASP B 146 -13.17 -28.78 8.39
C ASP B 146 -11.83 -29.21 7.79
N GLY B 147 -10.95 -28.23 7.62
CA GLY B 147 -9.64 -28.48 7.07
C GLY B 147 -9.36 -27.54 5.91
N ASN B 148 -8.09 -27.36 5.60
CA ASN B 148 -7.71 -26.52 4.48
C ASN B 148 -8.34 -27.02 3.18
N ILE B 149 -8.23 -28.34 2.94
CA ILE B 149 -8.82 -29.02 1.79
C ILE B 149 -9.67 -30.18 2.31
N ASP B 150 -10.95 -29.90 2.50
CA ASP B 150 -11.90 -30.82 3.12
C ASP B 150 -12.61 -31.55 1.98
N VAL B 151 -12.05 -32.69 1.57
CA VAL B 151 -12.50 -33.39 0.36
C VAL B 151 -14.00 -33.80 0.38
N PRO B 152 -14.53 -34.27 1.53
CA PRO B 152 -15.97 -34.57 1.60
C PRO B 152 -16.94 -33.44 1.23
N THR B 153 -16.46 -32.18 1.23
CA THR B 153 -17.31 -31.05 0.86
C THR B 153 -17.69 -31.01 -0.63
N ARG B 154 -17.13 -31.94 -1.41
CA ARG B 154 -17.63 -32.22 -2.77
C ARG B 154 -19.14 -32.51 -2.76
N GLN B 155 -19.62 -33.07 -1.64
CA GLN B 155 -21.04 -33.41 -1.47
C GLN B 155 -21.76 -32.37 -0.61
N GLN B 156 -22.93 -31.93 -1.07
CA GLN B 156 -23.74 -30.98 -0.31
C GLN B 156 -24.07 -31.48 1.09
N ASN B 157 -24.35 -32.77 1.23
CA ASN B 157 -24.75 -33.30 2.53
C ASN B 157 -23.60 -33.45 3.54
N SER B 158 -22.40 -33.03 3.15
CA SER B 158 -21.31 -32.90 4.12
C SER B 158 -21.64 -31.86 5.18
N GLY B 159 -22.44 -30.87 4.80
CA GLY B 159 -22.80 -29.79 5.70
C GLY B 159 -21.70 -28.78 5.96
N ARG B 160 -20.66 -28.75 5.13
CA ARG B 160 -19.53 -27.83 5.35
C ARG B 160 -19.11 -27.16 4.06
N ALA B 161 -18.37 -26.06 4.20
CA ALA B 161 -17.99 -25.19 3.08
C ALA B 161 -19.24 -24.76 2.29
N GLN B 162 -20.22 -24.24 3.02
CA GLN B 162 -21.53 -23.96 2.41
C GLN B 162 -22.36 -23.03 3.28
N ILE B 163 -23.33 -22.39 2.62
CA ILE B 163 -24.31 -21.53 3.26
C ILE B 163 -25.70 -22.13 3.05
N ARG B 164 -26.44 -22.29 4.14
CA ARG B 164 -27.84 -22.71 4.06
C ARG B 164 -28.77 -21.62 4.53
N VAL B 165 -29.96 -21.60 3.94
CA VAL B 165 -31.05 -20.69 4.33
C VAL B 165 -32.15 -21.50 5.01
N PHE B 166 -32.65 -20.95 6.12
CA PHE B 166 -33.70 -21.57 6.94
C PHE B 166 -34.87 -20.62 7.04
N ASP B 167 -36.08 -21.20 7.08
CA ASP B 167 -37.30 -20.47 7.38
C ASP B 167 -37.61 -20.59 8.86
N TYR B 168 -37.38 -19.49 9.59
CA TYR B 168 -37.63 -19.42 11.03
C TYR B 168 -39.01 -19.96 11.43
N ASP B 169 -40.01 -19.59 10.63
CA ASP B 169 -41.40 -19.92 10.92
C ASP B 169 -41.74 -21.40 10.81
N GLN B 170 -40.86 -22.18 10.19
CA GLN B 170 -41.03 -23.64 10.07
C GLN B 170 -40.34 -24.45 11.15
N LEU B 171 -39.39 -23.84 11.86
CA LEU B 171 -38.53 -24.59 12.75
C LEU B 171 -39.28 -25.10 13.97
N PRO B 172 -39.20 -26.42 14.25
CA PRO B 172 -39.75 -26.91 15.52
C PRO B 172 -39.03 -26.28 16.70
N GLN B 173 -39.72 -26.21 17.83
CA GLN B 173 -39.29 -25.44 19.01
C GLN B 173 -37.83 -25.69 19.45
N ASN B 174 -37.42 -26.96 19.46
CA ASN B 174 -36.10 -27.35 19.94
C ASN B 174 -34.98 -27.29 18.87
N GLY B 175 -35.32 -26.81 17.67
CA GLY B 175 -34.34 -26.62 16.60
C GLY B 175 -34.15 -27.82 15.69
N VAL B 176 -33.29 -27.62 14.68
CA VAL B 176 -33.08 -28.59 13.60
C VAL B 176 -31.57 -28.75 13.31
N PRO B 177 -31.14 -29.93 12.81
CA PRO B 177 -29.76 -30.03 12.33
C PRO B 177 -29.52 -29.11 11.13
N PHE B 178 -28.31 -28.58 11.00
CA PHE B 178 -27.92 -27.79 9.84
C PHE B 178 -28.17 -28.57 8.55
N VAL B 179 -27.76 -29.84 8.54
CA VAL B 179 -28.05 -30.72 7.40
C VAL B 179 -29.42 -31.34 7.66
N SER B 180 -30.45 -30.70 7.10
CA SER B 180 -31.82 -31.16 7.22
C SER B 180 -32.60 -30.53 6.08
N GLN B 181 -33.85 -30.97 5.93
CA GLN B 181 -34.78 -30.41 4.95
C GLN B 181 -35.07 -28.92 5.21
N TYR B 182 -34.86 -28.48 6.44
CA TYR B 182 -35.12 -27.08 6.82
C TYR B 182 -34.06 -26.12 6.31
N GLY B 183 -32.83 -26.62 6.13
CA GLY B 183 -31.71 -25.81 5.66
C GLY B 183 -31.45 -26.06 4.20
N ARG B 184 -31.86 -25.12 3.34
N ARG B 184 -31.86 -25.11 3.35
CA ARG B 184 -31.67 -25.31 1.91
CA ARG B 184 -31.69 -25.23 1.91
C ARG B 184 -30.36 -24.67 1.47
C ARG B 184 -30.35 -24.66 1.48
N VAL B 185 -29.61 -25.41 0.67
CA VAL B 185 -28.28 -24.98 0.24
C VAL B 185 -28.37 -23.83 -0.74
N LEU B 186 -27.87 -22.68 -0.32
CA LEU B 186 -27.81 -21.50 -1.15
C LEU B 186 -26.56 -21.55 -2.04
N GLY B 187 -25.43 -21.92 -1.43
CA GLY B 187 -24.18 -22.08 -2.13
C GLY B 187 -23.37 -23.12 -1.40
N TYR B 188 -22.61 -23.91 -2.15
CA TYR B 188 -21.70 -24.88 -1.55
C TYR B 188 -20.39 -24.86 -2.34
N GLY B 189 -19.39 -25.62 -1.89
CA GLY B 189 -18.06 -25.45 -2.45
C GLY B 189 -17.53 -24.03 -2.21
N LEU B 190 -17.80 -23.53 -1.00
CA LEU B 190 -17.38 -22.20 -0.53
C LEU B 190 -16.55 -22.42 0.72
N ARG B 191 -15.22 -22.35 0.60
CA ARG B 191 -14.30 -22.82 1.65
C ARG B 191 -14.63 -22.28 3.05
N ASN B 192 -14.69 -20.96 3.16
CA ASN B 192 -15.06 -20.32 4.42
C ASN B 192 -15.52 -18.91 4.13
N ASP B 193 -16.84 -18.75 4.04
CA ASP B 193 -17.45 -17.49 3.66
C ASP B 193 -17.98 -16.76 4.88
N VAL B 194 -17.06 -16.15 5.61
CA VAL B 194 -17.39 -15.47 6.87
C VAL B 194 -18.21 -14.19 6.63
N GLY B 195 -17.93 -13.46 5.56
CA GLY B 195 -18.68 -12.24 5.27
C GLY B 195 -19.88 -12.53 4.39
N ILE B 196 -21.06 -12.16 4.86
CA ILE B 196 -22.32 -12.32 4.13
C ILE B 196 -23.12 -11.04 4.26
N THR B 197 -23.63 -10.52 3.15
CA THR B 197 -24.51 -9.36 3.21
C THR B 197 -25.53 -9.49 2.08
N GLU B 198 -26.35 -8.45 1.90
CA GLU B 198 -27.33 -8.42 0.84
C GLU B 198 -27.39 -7.07 0.19
N ASP B 199 -27.68 -7.08 -1.12
CA ASP B 199 -27.85 -5.81 -1.83
C ASP B 199 -29.29 -5.32 -1.74
N ARG B 200 -29.58 -4.22 -2.45
CA ARG B 200 -30.86 -3.54 -2.34
C ARG B 200 -31.98 -4.32 -3.03
N ALA B 201 -31.63 -5.25 -3.92
CA ALA B 201 -32.59 -6.15 -4.55
C ALA B 201 -32.87 -7.41 -3.70
N GLY B 202 -32.10 -7.59 -2.63
CA GLY B 202 -32.21 -8.77 -1.80
C GLY B 202 -31.30 -9.96 -2.12
N ASN B 203 -30.42 -9.80 -3.11
N ASN B 203 -30.43 -9.79 -3.12
CA ASN B 203 -29.48 -10.87 -3.43
CA ASN B 203 -29.41 -10.80 -3.46
C ASN B 203 -28.40 -10.96 -2.36
C ASN B 203 -28.44 -10.96 -2.31
N ILE B 204 -28.11 -12.19 -1.97
CA ILE B 204 -27.06 -12.47 -0.97
C ILE B 204 -25.71 -12.47 -1.67
N HIS B 205 -24.77 -11.71 -1.12
CA HIS B 205 -23.38 -11.75 -1.58
C HIS B 205 -22.53 -12.31 -0.43
N SER B 206 -21.58 -13.16 -0.76
CA SER B 206 -20.68 -13.72 0.25
C SER B 206 -19.24 -13.51 -0.18
N ILE B 207 -18.32 -13.54 0.79
CA ILE B 207 -16.90 -13.31 0.48
C ILE B 207 -16.10 -14.42 1.16
N GLU B 208 -15.09 -14.91 0.44
CA GLU B 208 -14.41 -16.14 0.78
C GLU B 208 -12.96 -15.98 1.21
N ASN B 209 -12.62 -16.68 2.29
CA ASN B 209 -11.23 -17.00 2.65
C ASN B 209 -10.82 -18.24 1.90
N SER B 210 -9.82 -18.11 1.05
CA SER B 210 -9.44 -19.22 0.20
C SER B 210 -8.22 -20.02 0.74
N LEU B 211 -7.73 -20.88 -0.14
CA LEU B 211 -6.77 -21.92 0.15
C LEU B 211 -5.43 -21.45 0.71
N ASP B 212 -4.94 -22.18 1.69
CA ASP B 212 -3.60 -21.94 2.25
C ASP B 212 -2.60 -22.90 1.61
N ASN B 213 -1.37 -22.42 1.47
CA ASN B 213 -0.28 -23.26 0.95
C ASN B 213 -0.57 -23.89 -0.40
N ALA B 214 -1.15 -23.11 -1.29
CA ALA B 214 -1.46 -23.59 -2.64
C ALA B 214 -0.21 -24.09 -3.35
N TYR B 215 -0.38 -25.21 -4.06
CA TYR B 215 0.66 -25.71 -4.96
C TYR B 215 0.06 -26.03 -6.33
N ARG B 216 0.94 -26.21 -7.30
N ARG B 216 0.93 -26.17 -7.33
CA ARG B 216 0.55 -26.71 -8.61
CA ARG B 216 0.52 -26.44 -8.72
C ARG B 216 1.45 -27.90 -8.90
C ARG B 216 1.47 -27.44 -9.37
N MET B 217 0.83 -29.06 -9.15
N MET B 217 0.95 -28.58 -9.77
CA MET B 217 1.57 -30.27 -9.46
CA MET B 217 1.79 -29.61 -10.38
C MET B 217 2.12 -30.22 -10.87
C MET B 217 2.24 -29.20 -11.78
N VAL B 218 3.43 -30.39 -10.98
N VAL B 218 3.55 -29.24 -11.99
CA VAL B 218 4.07 -30.47 -12.29
CA VAL B 218 4.12 -28.92 -13.29
C VAL B 218 5.08 -31.60 -12.26
C VAL B 218 4.91 -30.13 -13.77
N ASN B 219 4.93 -32.53 -13.20
N ASN B 219 4.18 -31.18 -14.11
CA ASN B 219 5.80 -33.69 -13.28
CA ASN B 219 4.76 -32.45 -14.55
C ASN B 219 5.95 -34.37 -11.93
C ASN B 219 5.09 -33.40 -13.40
N GLY B 220 4.82 -34.56 -11.24
N GLY B 220 5.98 -33.00 -12.51
CA GLY B 220 4.81 -35.28 -9.97
CA GLY B 220 6.50 -33.91 -11.50
C GLY B 220 5.41 -34.47 -8.83
C GLY B 220 6.19 -33.64 -10.04
N GLN B 221 5.73 -33.21 -9.11
N GLN B 221 6.58 -32.46 -9.56
CA GLN B 221 6.32 -32.32 -8.12
CA GLN B 221 6.59 -32.18 -8.13
C GLN B 221 5.29 -31.30 -7.69
C GLN B 221 5.60 -31.07 -7.74
N ARG B 222 5.40 -30.88 -6.43
CA ARG B 222 4.61 -29.76 -5.90
C ARG B 222 5.38 -28.47 -6.17
N ARG B 223 4.86 -27.63 -7.05
CA ARG B 223 5.40 -26.28 -7.20
C ARG B 223 4.62 -25.33 -6.28
N ASP B 224 5.35 -24.71 -5.36
CA ASP B 224 4.79 -23.78 -4.37
C ASP B 224 4.35 -22.49 -5.07
N ILE B 225 3.05 -22.21 -5.01
CA ILE B 225 2.50 -20.98 -5.59
C ILE B 225 1.71 -20.15 -4.58
N HIS B 226 1.96 -20.38 -3.29
CA HIS B 226 1.10 -19.81 -2.25
C HIS B 226 1.22 -18.32 -2.05
N THR B 227 2.36 -17.70 -2.36
CA THR B 227 2.54 -16.29 -2.01
C THR B 227 1.45 -15.40 -2.64
N ASN B 228 1.18 -15.64 -3.91
CA ASN B 228 0.27 -14.80 -4.67
C ASN B 228 -0.86 -15.59 -5.34
N ASN B 229 -1.25 -16.70 -4.72
CA ASN B 229 -2.41 -17.47 -5.20
C ASN B 229 -2.97 -18.31 -4.05
N PRO B 230 -4.28 -18.61 -4.04
CA PRO B 230 -5.27 -18.11 -4.98
C PRO B 230 -5.88 -16.79 -4.50
N ALA B 231 -6.77 -16.20 -5.32
CA ALA B 231 -7.48 -14.98 -4.94
C ALA B 231 -8.49 -15.22 -3.82
N GLU B 232 -8.66 -14.20 -2.98
CA GLU B 232 -9.91 -14.07 -2.20
C GLU B 232 -10.97 -13.56 -3.16
N LYS B 233 -12.24 -13.76 -2.84
CA LYS B 233 -13.28 -13.53 -3.86
C LYS B 233 -14.67 -13.39 -3.28
N VAL B 234 -15.53 -12.69 -4.03
CA VAL B 234 -16.95 -12.49 -3.69
C VAL B 234 -17.82 -13.31 -4.64
N TYR B 235 -18.87 -13.93 -4.10
CA TYR B 235 -19.90 -14.59 -4.92
C TYR B 235 -21.23 -13.89 -4.75
N ASN B 236 -21.96 -13.72 -5.85
CA ASN B 236 -23.34 -13.27 -5.82
C ASN B 236 -24.20 -14.53 -5.79
N LEU B 237 -24.81 -14.83 -4.64
CA LEU B 237 -25.58 -16.06 -4.46
C LEU B 237 -27.08 -15.88 -4.74
N GLY B 238 -27.47 -14.70 -5.18
CA GLY B 238 -28.83 -14.43 -5.63
C GLY B 238 -29.88 -14.42 -4.53
N ASP B 239 -31.12 -14.65 -4.94
CA ASP B 239 -32.27 -14.49 -4.08
C ASP B 239 -32.38 -15.68 -3.13
N PRO B 240 -32.42 -15.43 -1.81
CA PRO B 240 -32.39 -16.54 -0.85
C PRO B 240 -33.70 -17.33 -0.72
N SER B 241 -34.78 -16.81 -1.32
CA SER B 241 -36.04 -17.55 -1.38
C SER B 241 -36.07 -18.54 -2.56
N ASN B 242 -35.06 -18.49 -3.42
CA ASN B 242 -34.93 -19.42 -4.53
C ASN B 242 -33.54 -20.11 -4.49
N PRO B 243 -33.26 -20.84 -3.39
CA PRO B 243 -31.94 -21.47 -3.27
C PRO B 243 -31.76 -22.57 -4.31
N ARG B 244 -30.60 -22.58 -4.95
CA ARG B 244 -30.31 -23.52 -6.04
C ARG B 244 -28.94 -24.13 -5.95
N ALA B 245 -28.33 -24.07 -4.75
CA ALA B 245 -27.05 -24.75 -4.48
C ALA B 245 -25.98 -24.39 -5.50
N ILE B 246 -25.72 -23.08 -5.64
CA ILE B 246 -24.65 -22.57 -6.50
C ILE B 246 -23.32 -23.21 -6.06
N PHE B 247 -22.57 -23.79 -7.01
CA PHE B 247 -21.31 -24.44 -6.71
C PHE B 247 -20.12 -23.51 -6.96
N GLY B 248 -19.41 -23.17 -5.89
CA GLY B 248 -18.30 -22.21 -5.96
C GLY B 248 -16.94 -22.79 -6.29
N GLY B 249 -16.83 -24.12 -6.39
CA GLY B 249 -15.57 -24.73 -6.82
C GLY B 249 -14.78 -25.53 -5.80
N TYR B 250 -14.80 -25.10 -4.54
CA TYR B 250 -14.09 -25.80 -3.47
C TYR B 250 -14.67 -27.21 -3.32
N PRO B 251 -13.88 -28.27 -3.06
CA PRO B 251 -12.48 -28.25 -2.66
C PRO B 251 -11.47 -28.47 -3.79
N ASP B 252 -11.92 -28.49 -5.04
CA ASP B 252 -10.99 -28.79 -6.13
C ASP B 252 -10.59 -27.59 -6.97
N CYS B 253 -11.46 -26.61 -7.06
CA CYS B 253 -11.29 -25.50 -7.99
C CYS B 253 -11.02 -24.22 -7.24
N TYR B 254 -9.97 -23.51 -7.66
CA TYR B 254 -9.53 -22.27 -7.00
C TYR B 254 -9.39 -21.18 -8.03
N THR B 255 -9.34 -19.93 -7.58
CA THR B 255 -9.37 -18.79 -8.50
C THR B 255 -7.98 -18.17 -8.65
N VAL B 256 -7.52 -18.04 -9.89
CA VAL B 256 -6.23 -17.40 -10.17
C VAL B 256 -6.22 -15.94 -9.73
N TRP B 257 -5.20 -15.58 -8.96
CA TRP B 257 -4.83 -14.18 -8.77
C TRP B 257 -3.66 -13.83 -9.69
N GLU B 258 -2.53 -14.49 -9.48
CA GLU B 258 -1.30 -14.22 -10.24
C GLU B 258 -1.12 -15.20 -11.40
N PRO B 259 -1.28 -14.73 -12.65
CA PRO B 259 -1.08 -15.60 -13.82
C PRO B 259 0.34 -16.15 -14.02
N SER B 260 1.34 -15.41 -13.55
CA SER B 260 2.75 -15.79 -13.82
C SER B 260 3.15 -17.09 -13.12
N ASP B 261 2.34 -17.54 -12.16
CA ASP B 261 2.55 -18.82 -11.50
C ASP B 261 2.17 -20.04 -12.35
N PHE B 262 1.50 -19.79 -13.48
CA PHE B 262 0.99 -20.85 -14.34
C PHE B 262 1.69 -20.87 -15.70
N THR B 263 2.70 -21.75 -15.79
CA THR B 263 3.60 -21.82 -16.95
C THR B 263 3.15 -22.81 -18.05
N ASP B 264 2.35 -23.82 -17.67
CA ASP B 264 1.85 -24.83 -18.62
C ASP B 264 0.86 -24.27 -19.65
N SER B 265 0.04 -23.33 -19.21
CA SER B 265 -0.98 -22.69 -20.04
C SER B 265 -1.20 -21.24 -19.56
N PRO B 266 -1.44 -20.31 -20.50
CA PRO B 266 -1.76 -18.93 -20.10
C PRO B 266 -3.07 -18.87 -19.32
N LYS B 267 -3.05 -18.16 -18.21
CA LYS B 267 -4.26 -17.92 -17.42
C LYS B 267 -4.43 -16.42 -17.19
N GLN B 268 -5.67 -16.04 -16.93
N GLN B 268 -5.66 -16.02 -16.90
CA GLN B 268 -6.06 -14.67 -16.58
CA GLN B 268 -5.96 -14.65 -16.56
C GLN B 268 -6.47 -14.66 -15.10
C GLN B 268 -6.51 -14.63 -15.14
N PRO B 269 -6.38 -13.48 -14.42
CA PRO B 269 -6.98 -13.40 -13.08
C PRO B 269 -8.47 -13.75 -13.17
N GLY B 270 -8.97 -14.57 -12.25
CA GLY B 270 -10.36 -14.99 -12.29
C GLY B 270 -10.59 -16.36 -12.88
N ASP B 271 -9.61 -16.85 -13.65
CA ASP B 271 -9.68 -18.21 -14.19
C ASP B 271 -9.61 -19.23 -13.08
N TRP B 272 -10.02 -20.46 -13.39
CA TRP B 272 -9.91 -21.57 -12.47
C TRP B 272 -8.57 -22.26 -12.58
N PHE B 273 -8.11 -22.78 -11.44
CA PHE B 273 -7.03 -23.74 -11.45
C PHE B 273 -7.28 -24.81 -10.41
N THR B 274 -6.73 -25.99 -10.66
CA THR B 274 -6.68 -27.06 -9.67
C THR B 274 -5.21 -27.26 -9.29
N GLN B 275 -4.97 -27.87 -8.15
CA GLN B 275 -3.61 -28.14 -7.71
C GLN B 275 -2.95 -29.27 -8.53
N ASP B 276 -3.75 -30.25 -8.91
N ASP B 276 -3.72 -30.31 -8.86
CA ASP B 276 -3.29 -31.34 -9.76
CA ASP B 276 -3.16 -31.51 -9.53
C ASP B 276 -4.24 -31.40 -10.96
C ASP B 276 -3.32 -31.51 -11.05
N ASN B 277 -3.81 -30.79 -12.07
N ASN B 277 -4.33 -30.81 -11.54
CA ASN B 277 -4.62 -30.72 -13.28
CA ASN B 277 -4.64 -30.77 -12.99
C ASN B 277 -4.71 -32.09 -13.96
C ASN B 277 -4.44 -32.11 -13.69
N SER B 278 -5.20 -33.09 -13.22
CA SER B 278 -5.22 -34.48 -13.68
C SER B 278 -6.44 -35.20 -13.10
N GLY B 279 -6.76 -36.37 -13.64
CA GLY B 279 -7.93 -37.14 -13.22
C GLY B 279 -9.20 -36.44 -13.65
N GLN B 280 -10.24 -36.55 -12.82
CA GLN B 280 -11.54 -35.93 -13.11
C GLN B 280 -11.47 -34.41 -12.97
N TYR B 281 -10.84 -33.94 -11.89
CA TYR B 281 -10.85 -32.52 -11.50
C TYR B 281 -9.72 -31.73 -12.13
N THR B 282 -9.94 -31.38 -13.39
CA THR B 282 -8.99 -30.62 -14.15
C THR B 282 -9.44 -29.15 -14.18
N ASP B 283 -8.56 -28.27 -14.64
CA ASP B 283 -8.90 -26.87 -14.90
C ASP B 283 -10.14 -26.77 -15.78
N ALA B 284 -10.20 -27.64 -16.81
CA ALA B 284 -11.33 -27.66 -17.75
C ALA B 284 -12.64 -28.05 -17.09
N TRP B 285 -12.58 -29.06 -16.21
CA TRP B 285 -13.75 -29.47 -15.42
C TRP B 285 -14.28 -28.29 -14.60
N CYS B 286 -13.38 -27.56 -13.94
CA CYS B 286 -13.77 -26.38 -13.16
C CYS B 286 -14.49 -25.34 -14.01
N ASN B 287 -13.97 -25.06 -15.20
N ASN B 287 -13.94 -25.05 -15.19
CA ASN B 287 -14.58 -24.05 -16.07
CA ASN B 287 -14.54 -24.14 -16.17
C ASN B 287 -15.97 -24.48 -16.58
C ASN B 287 -16.00 -24.50 -16.42
N ALA B 288 -16.22 -25.78 -16.66
CA ALA B 288 -17.53 -26.32 -17.07
C ALA B 288 -18.55 -26.44 -15.94
N ASN B 289 -18.07 -26.53 -14.69
CA ASN B 289 -18.93 -26.92 -13.58
C ASN B 289 -19.08 -25.93 -12.43
N ALA B 290 -18.09 -25.07 -12.24
CA ALA B 290 -18.09 -24.14 -11.11
C ALA B 290 -18.53 -22.74 -11.56
N VAL B 291 -19.18 -22.02 -10.65
CA VAL B 291 -19.69 -20.68 -10.92
C VAL B 291 -18.62 -19.69 -10.48
N LYS B 292 -18.25 -18.76 -11.36
CA LYS B 292 -17.20 -17.79 -11.06
C LYS B 292 -17.62 -16.72 -10.05
N PRO B 293 -16.65 -16.21 -9.26
CA PRO B 293 -16.90 -15.05 -8.41
C PRO B 293 -17.09 -13.78 -9.23
N THR B 294 -17.53 -12.71 -8.58
CA THR B 294 -17.77 -11.44 -9.25
C THR B 294 -16.58 -10.49 -9.18
N LEU B 295 -15.72 -10.64 -8.17
CA LEU B 295 -14.55 -9.76 -7.99
C LEU B 295 -13.50 -10.49 -7.16
N LEU B 296 -12.26 -10.06 -7.31
CA LEU B 296 -11.11 -10.59 -6.60
C LEU B 296 -10.56 -9.62 -5.57
N LEU B 297 -9.99 -10.17 -4.49
CA LEU B 297 -9.17 -9.41 -3.57
C LEU B 297 -7.87 -10.18 -3.33
N PRO B 298 -6.80 -9.50 -2.86
CA PRO B 298 -5.48 -10.12 -2.89
C PRO B 298 -5.35 -11.35 -1.98
N PRO B 299 -4.53 -12.33 -2.40
CA PRO B 299 -4.35 -13.57 -1.67
C PRO B 299 -4.01 -13.33 -0.20
N HIS B 300 -4.68 -14.11 0.64
CA HIS B 300 -4.38 -14.16 2.08
C HIS B 300 -4.85 -12.94 2.87
N THR B 301 -5.55 -12.00 2.24
CA THR B 301 -5.93 -10.80 2.96
C THR B 301 -7.02 -11.04 3.99
N ALA B 302 -7.70 -12.19 3.88
CA ALA B 302 -8.60 -12.71 4.91
C ALA B 302 -9.82 -11.81 5.19
N PRO B 303 -10.68 -11.63 4.17
CA PRO B 303 -11.88 -10.85 4.37
C PRO B 303 -12.80 -11.53 5.37
N LEU B 304 -13.32 -10.77 6.32
CA LEU B 304 -14.24 -11.34 7.32
C LEU B 304 -15.61 -10.71 7.36
N ASP B 305 -15.78 -9.56 6.73
CA ASP B 305 -17.10 -8.93 6.62
C ASP B 305 -17.09 -8.01 5.44
N MET B 306 -18.28 -7.69 4.95
N MET B 306 -18.30 -7.77 4.91
CA MET B 306 -18.43 -6.66 3.96
CA MET B 306 -18.56 -6.92 3.73
C MET B 306 -19.81 -6.10 4.09
C MET B 306 -19.89 -6.18 3.94
N LYS B 307 -19.93 -4.85 3.66
CA LYS B 307 -21.18 -4.09 3.73
C LYS B 307 -21.22 -3.12 2.57
N PHE B 308 -22.40 -3.01 1.95
CA PHE B 308 -22.60 -2.02 0.93
C PHE B 308 -22.79 -0.64 1.54
N GLY B 309 -22.31 0.38 0.84
CA GLY B 309 -22.65 1.76 1.18
C GLY B 309 -24.16 1.98 1.06
N LEU B 310 -24.62 3.03 1.74
CA LEU B 310 -26.05 3.39 1.72
C LEU B 310 -26.31 4.61 0.85
N GLY B 311 -27.57 4.74 0.41
CA GLY B 311 -28.00 5.92 -0.35
C GLY B 311 -27.20 6.06 -1.61
N ASN B 312 -26.57 7.23 -1.80
CA ASN B 312 -25.82 7.50 -3.03
C ASN B 312 -24.41 6.89 -3.06
N ASP B 313 -24.03 6.17 -2.01
CA ASP B 313 -22.76 5.44 -1.98
C ASP B 313 -22.95 4.08 -2.65
N THR B 314 -22.28 3.89 -3.78
CA THR B 314 -22.41 2.69 -4.61
C THR B 314 -21.26 1.68 -4.44
N ASN B 315 -20.47 1.86 -3.38
CA ASN B 315 -19.34 0.99 -3.12
C ASN B 315 -19.68 -0.20 -2.25
N LEU B 316 -18.80 -1.20 -2.30
CA LEU B 316 -18.76 -2.30 -1.34
C LEU B 316 -17.54 -2.09 -0.41
N TYR B 317 -17.75 -2.22 0.89
CA TYR B 317 -16.70 -2.03 1.91
C TYR B 317 -16.34 -3.38 2.47
N VAL B 318 -15.04 -3.68 2.54
CA VAL B 318 -14.59 -5.01 2.96
C VAL B 318 -13.55 -4.90 4.07
N ALA B 319 -13.75 -5.66 5.16
CA ALA B 319 -12.79 -5.77 6.26
C ALA B 319 -11.82 -6.92 5.99
N LEU B 320 -10.53 -6.59 5.86
CA LEU B 320 -9.46 -7.57 5.61
C LEU B 320 -8.66 -7.80 6.87
N HIS B 321 -8.81 -8.99 7.44
CA HIS B 321 -8.19 -9.31 8.74
C HIS B 321 -6.66 -9.36 8.69
N GLY B 322 -6.12 -9.62 7.51
CA GLY B 322 -4.68 -9.76 7.36
C GLY B 322 -4.20 -11.20 7.36
N SER B 323 -3.08 -11.39 6.65
CA SER B 323 -2.52 -12.71 6.37
C SER B 323 -1.67 -13.31 7.48
N TRP B 324 -1.61 -14.63 7.49
CA TRP B 324 -0.46 -15.32 8.09
C TRP B 324 0.33 -16.09 7.02
N ASN B 325 -0.35 -16.53 5.95
CA ASN B 325 0.26 -17.46 4.99
C ASN B 325 0.89 -16.73 3.81
N ARG B 326 1.65 -15.68 4.11
CA ARG B 326 2.34 -14.90 3.08
C ARG B 326 3.47 -14.10 3.70
N GLN B 327 4.57 -13.96 2.95
CA GLN B 327 5.60 -12.97 3.26
C GLN B 327 5.90 -12.10 2.06
N PRO B 328 5.87 -10.77 2.20
CA PRO B 328 5.47 -10.07 3.43
C PRO B 328 3.94 -10.15 3.67
N PRO B 329 3.47 -9.81 4.87
CA PRO B 329 2.03 -9.85 5.15
C PRO B 329 1.28 -8.79 4.38
N GLN B 330 0.00 -9.06 4.13
CA GLN B 330 -0.87 -8.06 3.53
C GLN B 330 -2.29 -8.19 4.03
N GLY B 331 -3.06 -7.12 3.83
CA GLY B 331 -4.41 -7.01 4.39
C GLY B 331 -4.39 -6.02 5.53
N TYR B 332 -5.02 -6.37 6.65
CA TYR B 332 -4.99 -5.52 7.87
C TYR B 332 -5.55 -4.13 7.55
N LYS B 333 -6.71 -4.10 6.90
N LYS B 333 -6.71 -4.10 6.91
CA LYS B 333 -7.24 -2.86 6.35
CA LYS B 333 -7.26 -2.83 6.42
C LYS B 333 -8.72 -2.98 6.06
C LYS B 333 -8.70 -2.99 6.01
N VAL B 334 -9.37 -1.85 5.79
CA VAL B 334 -10.70 -1.82 5.18
C VAL B 334 -10.51 -1.25 3.77
N VAL B 335 -11.08 -1.91 2.77
CA VAL B 335 -11.00 -1.48 1.38
C VAL B 335 -12.37 -1.20 0.81
N VAL B 336 -12.36 -0.52 -0.34
CA VAL B 336 -13.55 -0.04 -1.03
C VAL B 336 -13.51 -0.60 -2.45
N VAL B 337 -14.57 -1.28 -2.86
CA VAL B 337 -14.69 -1.83 -4.22
C VAL B 337 -15.79 -1.07 -4.95
N PRO B 338 -15.44 -0.39 -6.06
CA PRO B 338 -16.46 0.39 -6.78
C PRO B 338 -17.45 -0.49 -7.51
N GLY B 339 -18.70 -0.05 -7.52
CA GLY B 339 -19.74 -0.77 -8.21
C GLY B 339 -20.87 0.12 -8.62
N GLN B 340 -21.96 -0.53 -9.00
CA GLN B 340 -23.15 0.16 -9.49
C GLN B 340 -24.37 -0.72 -9.22
N TYR B 341 -25.53 -0.06 -9.19
CA TYR B 341 -26.81 -0.74 -9.03
C TYR B 341 -27.60 -0.74 -10.31
N SER B 342 -28.21 -1.88 -10.61
CA SER B 342 -29.30 -1.95 -11.59
C SER B 342 -30.52 -1.19 -11.06
N ALA B 343 -31.51 -0.95 -11.93
CA ALA B 343 -32.74 -0.23 -11.55
C ALA B 343 -33.48 -0.83 -10.34
N SER B 344 -33.41 -2.16 -10.21
CA SER B 344 -34.03 -2.91 -9.13
C SER B 344 -33.13 -3.07 -7.89
N GLY B 345 -31.88 -2.62 -7.98
CA GLY B 345 -30.99 -2.64 -6.83
C GLY B 345 -30.02 -3.79 -6.72
N GLU B 346 -29.79 -4.50 -7.82
N GLU B 346 -29.81 -4.52 -7.82
CA GLU B 346 -28.76 -5.56 -7.87
CA GLU B 346 -28.75 -5.52 -7.86
C GLU B 346 -27.38 -4.94 -8.05
C GLU B 346 -27.42 -4.79 -7.96
N TRP B 347 -26.49 -5.13 -7.07
CA TRP B 347 -25.14 -4.57 -7.12
C TRP B 347 -24.24 -5.46 -7.95
N SER B 348 -23.38 -4.81 -8.73
CA SER B 348 -22.28 -5.47 -9.42
C SER B 348 -21.06 -4.58 -9.36
N PRO B 349 -19.85 -5.18 -9.38
CA PRO B 349 -18.64 -4.35 -9.41
C PRO B 349 -18.48 -3.68 -10.77
N THR B 350 -17.81 -2.54 -10.78
CA THR B 350 -17.55 -1.81 -12.03
C THR B 350 -16.54 -2.54 -12.90
N ALA B 351 -15.49 -3.11 -12.29
CA ALA B 351 -14.46 -3.79 -13.04
C ALA B 351 -14.89 -5.18 -13.50
N PRO B 352 -14.57 -5.55 -14.77
CA PRO B 352 -14.67 -6.96 -15.15
C PRO B 352 -13.79 -7.82 -14.24
N LEU B 353 -14.20 -9.06 -13.99
CA LEU B 353 -13.48 -9.95 -13.10
C LEU B 353 -11.97 -9.98 -13.36
N ALA B 354 -11.58 -10.17 -14.62
CA ALA B 354 -10.17 -10.30 -14.98
C ALA B 354 -9.36 -9.03 -14.78
N GLN B 355 -10.05 -7.89 -14.67
CA GLN B 355 -9.42 -6.59 -14.46
C GLN B 355 -9.56 -6.10 -13.00
N SER B 356 -10.02 -6.98 -12.11
CA SER B 356 -10.40 -6.53 -10.77
C SER B 356 -9.27 -6.48 -9.75
N ARG B 357 -8.07 -6.96 -10.12
CA ARG B 357 -6.96 -7.02 -9.14
C ARG B 357 -6.59 -5.65 -8.54
N THR B 358 -6.76 -4.60 -9.34
CA THR B 358 -6.37 -3.25 -8.93
C THR B 358 -7.58 -2.31 -8.81
N ALA B 359 -8.79 -2.87 -8.82
CA ALA B 359 -10.02 -2.05 -8.90
C ALA B 359 -10.41 -1.40 -7.57
N TRP B 360 -10.04 -2.03 -6.47
CA TRP B 360 -10.35 -1.59 -5.11
C TRP B 360 -9.33 -0.53 -4.65
N SER B 361 -9.64 0.17 -3.55
N SER B 361 -9.65 0.15 -3.54
CA SER B 361 -8.66 1.08 -2.94
CA SER B 361 -8.73 1.13 -2.93
C SER B 361 -8.79 1.03 -1.42
C SER B 361 -8.83 1.10 -1.41
N ASP B 362 -7.75 1.54 -0.75
CA ASP B 362 -7.69 1.54 0.71
C ASP B 362 -8.58 2.62 1.31
N LEU B 363 -9.36 2.26 2.33
CA LEU B 363 -10.08 3.24 3.15
C LEU B 363 -9.34 3.52 4.47
N LEU B 364 -9.05 2.44 5.20
CA LEU B 364 -8.48 2.51 6.55
C LEU B 364 -7.31 1.56 6.61
N THR B 365 -6.12 2.07 6.94
CA THR B 365 -4.91 1.25 6.94
C THR B 365 -4.11 1.38 8.22
N ASN B 366 -3.29 0.37 8.45
CA ASN B 366 -2.20 0.41 9.42
C ASN B 366 -1.04 1.23 8.83
N ARG B 367 0.01 1.45 9.63
N ARG B 367 0.01 1.45 9.63
CA ARG B 367 1.22 2.14 9.17
CA ARG B 367 1.20 2.15 9.15
C ARG B 367 1.70 1.56 7.83
C ARG B 367 1.72 1.56 7.83
N ASN B 368 1.84 0.24 7.79
CA ASN B 368 2.17 -0.49 6.57
C ASN B 368 1.74 -1.93 6.81
N GLU B 369 0.82 -2.45 5.99
N GLU B 369 0.82 -2.43 5.97
CA GLU B 369 0.38 -3.85 6.13
CA GLU B 369 0.37 -3.84 6.06
C GLU B 369 1.55 -4.83 6.15
C GLU B 369 1.56 -4.80 6.17
N ASN B 370 2.66 -4.49 5.47
CA ASN B 370 3.84 -5.35 5.45
C ASN B 370 4.60 -5.41 6.79
N GLN B 371 4.29 -4.50 7.72
CA GLN B 371 4.83 -4.50 9.08
C GLN B 371 3.91 -5.20 10.09
N CYS B 372 2.73 -5.62 9.66
CA CYS B 372 1.84 -6.38 10.54
C CYS B 372 2.35 -7.82 10.62
N SER B 373 1.72 -8.62 11.48
CA SER B 373 2.15 -10.00 11.61
C SER B 373 0.99 -10.90 11.96
N GLY B 374 0.94 -12.05 11.28
CA GLY B 374 -0.05 -13.09 11.60
C GLY B 374 0.41 -14.03 12.69
N PHE B 375 1.58 -13.77 13.26
CA PHE B 375 2.07 -14.49 14.45
C PHE B 375 2.58 -13.53 15.50
N GLY B 376 2.54 -13.96 16.75
CA GLY B 376 2.92 -13.09 17.87
C GLY B 376 2.05 -11.86 17.89
N ASN B 377 2.58 -10.75 18.37
CA ASN B 377 1.81 -9.50 18.38
C ASN B 377 1.56 -9.08 16.94
N ALA B 378 0.29 -8.83 16.59
CA ALA B 378 -0.03 -8.44 15.21
C ALA B 378 0.62 -7.12 14.81
N ASN B 379 0.96 -6.29 15.81
CA ASN B 379 1.61 -4.99 15.59
C ASN B 379 0.69 -4.04 14.81
N CYS B 380 -0.62 -4.33 14.79
CA CYS B 380 -1.57 -3.72 13.85
C CYS B 380 -2.97 -4.01 14.33
N PHE B 381 -3.92 -3.14 14.01
CA PHE B 381 -5.32 -3.52 14.13
C PHE B 381 -5.68 -4.53 13.02
N ARG B 382 -6.63 -5.42 13.32
CA ARG B 382 -7.03 -6.50 12.41
C ARG B 382 -8.55 -6.44 12.22
N PRO B 383 -9.02 -5.77 11.14
CA PRO B 383 -10.46 -5.61 10.94
C PRO B 383 -11.23 -6.93 10.85
N VAL B 384 -12.37 -6.96 11.51
CA VAL B 384 -13.27 -8.12 11.47
C VAL B 384 -14.65 -7.73 10.96
N GLY B 385 -15.36 -6.87 11.69
CA GLY B 385 -16.75 -6.55 11.44
C GLY B 385 -16.94 -5.11 11.00
N LEU B 386 -17.99 -4.91 10.21
CA LEU B 386 -18.39 -3.58 9.69
C LEU B 386 -19.87 -3.38 9.88
N VAL B 387 -20.27 -2.14 10.17
CA VAL B 387 -21.68 -1.75 10.06
C VAL B 387 -21.82 -0.26 9.82
N TRP B 388 -22.66 0.12 8.87
CA TRP B 388 -22.97 1.53 8.62
C TRP B 388 -24.12 1.99 9.52
N SER B 389 -24.00 3.21 10.04
CA SER B 389 -25.15 3.88 10.66
C SER B 389 -26.25 4.11 9.61
N ALA B 390 -27.50 4.15 10.06
CA ALA B 390 -28.64 4.28 9.14
C ALA B 390 -28.58 5.52 8.23
N ASP B 391 -27.98 6.61 8.71
CA ASP B 391 -27.82 7.81 7.88
C ASP B 391 -26.64 7.73 6.89
N GLY B 392 -25.90 6.62 6.92
CA GLY B 392 -24.79 6.38 6.00
C GLY B 392 -23.56 7.23 6.25
N GLN B 393 -23.46 7.84 7.43
CA GLN B 393 -22.40 8.80 7.75
C GLN B 393 -21.25 8.19 8.56
N ASN B 394 -21.54 7.11 9.28
CA ASN B 394 -20.59 6.47 10.17
C ASN B 394 -20.46 5.00 9.83
N LEU B 395 -19.21 4.55 9.66
CA LEU B 395 -18.89 3.13 9.48
C LEU B 395 -18.12 2.64 10.69
N TYR B 396 -18.69 1.69 11.42
CA TYR B 396 -18.01 1.08 12.57
C TYR B 396 -17.21 -0.12 12.11
N VAL B 397 -16.06 -0.31 12.75
CA VAL B 397 -15.11 -1.37 12.40
C VAL B 397 -14.60 -2.01 13.69
N SER B 398 -14.73 -3.34 13.82
CA SER B 398 -14.12 -4.02 14.97
C SER B 398 -12.75 -4.58 14.61
N SER B 399 -11.90 -4.72 15.64
CA SER B 399 -10.59 -5.35 15.52
C SER B 399 -10.46 -6.31 16.70
N ASP B 400 -10.53 -7.61 16.42
CA ASP B 400 -10.58 -8.60 17.49
C ASP B 400 -9.33 -8.67 18.34
N THR B 401 -8.19 -8.78 17.69
CA THR B 401 -6.93 -8.99 18.39
C THR B 401 -6.45 -7.77 19.16
N SER B 402 -6.92 -6.58 18.80
CA SER B 402 -6.55 -5.37 19.53
C SER B 402 -7.62 -4.93 20.53
N GLY B 403 -8.77 -5.58 20.53
CA GLY B 403 -9.82 -5.28 21.50
C GLY B 403 -10.51 -3.96 21.28
N GLU B 404 -10.62 -3.55 20.02
CA GLU B 404 -11.11 -2.22 19.68
C GLU B 404 -12.30 -2.23 18.74
N VAL B 405 -13.14 -1.19 18.86
CA VAL B 405 -14.10 -0.83 17.80
C VAL B 405 -13.85 0.63 17.47
N PHE B 406 -13.80 0.93 16.17
CA PHE B 406 -13.56 2.27 15.64
C PHE B 406 -14.78 2.81 14.94
N ILE B 407 -14.83 4.13 14.86
CA ILE B 407 -15.79 4.81 14.00
C ILE B 407 -15.03 5.54 12.87
N ILE B 408 -15.49 5.32 11.65
CA ILE B 408 -15.04 6.09 10.49
C ILE B 408 -16.19 7.03 10.13
N LYS B 409 -15.89 8.32 10.12
CA LYS B 409 -16.91 9.35 9.92
C LYS B 409 -16.67 10.13 8.65
N ARG B 410 -17.75 10.30 7.88
CA ARG B 410 -17.78 11.28 6.78
C ARG B 410 -17.81 12.69 7.35
CA CA C . 14.26 2.06 -13.31
N1 PQQ D . 12.65 8.91 -13.77
C2 PQQ D . 13.67 9.80 -13.81
C2X PQQ D . 13.45 11.25 -13.74
O2A PQQ D . 14.44 12.02 -13.63
O2B PQQ D . 12.28 11.67 -13.66
C3 PQQ D . 14.89 9.13 -13.85
C3A PQQ D . 14.56 7.76 -13.87
C1A PQQ D . 13.10 7.65 -13.82
C4 PQQ D . 15.40 6.55 -13.91
O4 PQQ D . 16.66 6.63 -13.96
C5 PQQ D . 14.72 5.25 -13.91
O5 PQQ D . 15.36 4.16 -13.93
C6A PQQ D . 13.25 5.21 -13.86
N6 PQQ D . 12.69 3.99 -13.83
C7 PQQ D . 11.37 3.82 -13.79
C7X PQQ D . 10.92 2.39 -13.73
O7A PQQ D . 11.83 1.55 -13.45
O7B PQQ D . 9.71 2.11 -13.83
C8 PQQ D . 10.48 4.90 -13.76
C9 PQQ D . 10.97 6.20 -13.76
C9X PQQ D . 9.99 7.29 -13.79
O9A PQQ D . 10.12 8.29 -13.08
O9B PQQ D . 9.08 7.15 -14.69
C9A PQQ D . 12.44 6.42 -13.81
C1 EDO E . 12.56 8.98 -17.34
O1 EDO E . 13.39 9.01 -18.50
C2 EDO E . 11.62 7.78 -17.39
O2 EDO E . 10.91 7.80 -18.63
C1 EDO F . 15.29 5.80 -17.62
O1 EDO F . 16.19 4.91 -16.95
C2 EDO F . 14.11 4.97 -18.12
O2 EDO F . 13.51 4.32 -16.99
C1 EDO G . -1.66 7.45 3.34
O1 EDO G . -2.97 7.24 3.86
C2 EDO G . -0.65 7.10 4.42
O2 EDO G . -0.86 5.73 4.80
C1 EDO H . -0.86 3.94 -2.84
O1 EDO H . 0.33 4.17 -2.08
C2 EDO H . -1.94 3.42 -1.92
O2 EDO H . -3.00 4.36 -1.75
C1 EDO I . 28.47 33.80 -18.34
O1 EDO I . 27.91 33.41 -19.59
C2 EDO I . 29.13 32.59 -17.69
O2 EDO I . 28.13 31.59 -17.44
C1 EDO J . -3.96 25.65 -12.80
O1 EDO J . -3.30 26.39 -13.84
C2 EDO J . -3.67 26.29 -11.45
O2 EDO J . -4.37 27.54 -11.37
C ACT K . 4.85 -0.35 -2.81
O ACT K . 5.21 0.84 -2.97
OXT ACT K . 5.49 -1.28 -3.31
CH3 ACT K . 3.63 -0.67 -1.98
C ACT L . 18.98 17.03 -22.20
O ACT L . 19.80 17.72 -21.56
OXT ACT L . 17.76 17.28 -22.26
CH3 ACT L . 19.49 15.84 -22.93
C1 NAG M . -24.45 12.15 -1.78
C2 NAG M . -23.93 13.34 -2.58
C3 NAG M . -23.39 14.47 -1.68
C4 NAG M . -24.32 14.80 -0.51
C5 NAG M . -24.92 13.56 0.16
C6 NAG M . -26.07 13.96 1.07
C7 NAG M . -22.80 13.37 -4.77
C8 NAG M . -21.62 12.82 -5.52
N2 NAG M . -22.87 12.95 -3.50
O3 NAG M . -23.21 15.65 -2.48
O4 NAG M . -23.56 15.57 0.45
O5 NAG M . -25.41 12.63 -0.83
O6 NAG M . -26.23 12.98 2.11
O7 NAG M . -23.61 14.13 -5.29
CA CA N . -6.52 -18.44 3.62
N1 PQQ O . -9.25 -15.94 9.59
C2 PQQ O . -10.49 -16.38 9.95
C2X PQQ O . -11.24 -15.82 11.09
O2A PQQ O . -10.68 -14.95 11.78
O2B PQQ O . -12.45 -16.15 11.27
C3 PQQ O . -10.95 -17.36 9.06
C3A PQQ O . -9.88 -17.52 8.15
C1A PQQ O . -8.80 -16.62 8.53
C4 PQQ O . -9.73 -18.40 6.98
O4 PQQ O . -10.66 -19.19 6.66
C5 PQQ O . -8.49 -18.32 6.22
O5 PQQ O . -8.28 -19.04 5.20
C6A PQQ O . -7.45 -17.39 6.65
N6 PQQ O . -6.35 -17.35 5.89
C7 PQQ O . -5.31 -16.55 6.18
C7X PQQ O . -4.17 -16.60 5.22
O7A PQQ O . -3.11 -15.99 5.45
O7B PQQ O . -4.44 -17.14 4.11
C8 PQQ O . -5.34 -15.70 7.28
C9 PQQ O . -6.44 -15.65 8.12
C9X PQQ O . -6.40 -14.78 9.30
O9A PQQ O . -5.36 -14.97 10.04
O9B PQQ O . -7.32 -14.05 9.65
C9A PQQ O . -7.61 -16.51 7.81
C1 EDO P . -9.56 -20.28 12.34
O1 EDO P . -10.55 -20.70 11.42
C2 EDO P . -9.36 -18.80 12.12
O2 EDO P . -8.00 -18.46 12.38
C1 EDO Q . -6.25 -20.87 8.70
O1 EDO Q . -5.83 -20.05 7.61
C2 EDO Q . -7.73 -21.22 8.58
O2 EDO Q . -8.03 -21.64 7.23
C1 EDO R . -3.05 -0.71 -2.58
O1 EDO R . -3.15 0.53 -1.87
C2 EDO R . -1.80 -0.74 -3.44
O2 EDO R . -0.62 -0.76 -2.62
C1 EDO S . -6.27 5.29 2.69
O1 EDO S . -5.28 5.65 1.72
C2 EDO S . -5.67 4.98 4.05
O2 EDO S . -4.27 4.72 3.92
C1 EDO T . -39.71 -11.01 14.90
O1 EDO T . -39.78 -10.01 15.92
C2 EDO T . -41.08 -11.21 14.28
O2 EDO T . -41.51 -9.97 13.71
#